data_4RPG
#
_entry.id   4RPG
#
_cell.length_a   172.420
_cell.length_b   99.470
_cell.length_c   100.160
_cell.angle_alpha   90.00
_cell.angle_beta   110.81
_cell.angle_gamma   90.00
#
_symmetry.space_group_name_H-M   'C 1 2 1'
#
loop_
_entity.id
_entity.type
_entity.pdbx_description
1 polymer 'UDP-galactopyranose mutase'
2 non-polymer 'FLAVIN-ADENINE DINUCLEOTIDE'
3 non-polymer "GALACTOSE-URIDINE-5'-DIPHOSPHATE"
4 non-polymer "URIDINE-5'-DIPHOSPHATE"
5 water water
#
_entity_poly.entity_id   1
_entity_poly.type   'polypeptide(L)'
_entity_poly.pdbx_seq_one_letter_code
;MQPMTARFDLFVVGSGFFGLTIAERVATQLDKRVLVLERRPHIGGNAYSEAEPQTGIEVHKYGAHLFHTSNKRVWDYVRQ
FTDFTDYRHRVFAMHNGQAYQFPMGLGLVSQFFGKYFTPEQARQLIAEQAAEIDTADAQNLEEKAISLIGRPLYEAFVKG
YTAKQWQTDPKELPAANITRLPVRYTFDNRYFSDTYEGLPTDGYTAWLQNMAADHRIEVRLNTDWFDVRGQLRPGSPAAP
VVYTGPLDRYFDYAEGRLGWRTLDFEVEVLPIGDFQGTAVMNYNDLDVPYTRIHEFRHFHPERDYRTDKTVIMREYSRFA
EDDDEPYYPINTEADRALLATYRARAKSETASSKVLFGGRLGTYQYLDMHMAIASALNMYDNVLAPHLRDGVPLLQDGA
;
_entity_poly.pdbx_strand_id   B,A,C
#
# COMPACT_ATOMS: atom_id res chain seq x y z
N MET A 4 44.93 7.47 -39.34
CA MET A 4 44.47 6.36 -40.15
C MET A 4 44.02 5.19 -39.29
N THR A 5 43.72 5.46 -38.03
CA THR A 5 43.36 4.39 -37.08
C THR A 5 41.87 4.08 -37.05
N ALA A 6 41.56 2.80 -36.92
CA ALA A 6 40.20 2.38 -36.65
C ALA A 6 39.83 2.71 -35.22
N ARG A 7 38.61 3.19 -35.02
CA ARG A 7 38.15 3.55 -33.69
C ARG A 7 38.07 2.30 -32.80
N PHE A 8 37.52 1.22 -33.35
CA PHE A 8 37.40 -0.04 -32.61
C PHE A 8 38.03 -1.20 -33.36
N ASP A 9 38.35 -2.27 -32.64
CA ASP A 9 38.89 -3.47 -33.25
C ASP A 9 37.80 -4.52 -33.47
N LEU A 10 36.66 -4.33 -32.80
CA LEU A 10 35.58 -5.31 -32.88
C LEU A 10 34.23 -4.69 -32.53
N PHE A 11 33.21 -5.07 -33.29
CA PHE A 11 31.83 -4.73 -32.96
C PHE A 11 31.12 -5.97 -32.45
N VAL A 12 30.35 -5.81 -31.39
CA VAL A 12 29.55 -6.92 -30.87
C VAL A 12 28.10 -6.48 -30.71
N VAL A 13 27.20 -7.18 -31.38
CA VAL A 13 25.78 -6.83 -31.32
C VAL A 13 25.07 -7.69 -30.29
N GLY A 14 24.63 -7.05 -29.21
CA GLY A 14 23.97 -7.75 -28.13
C GLY A 14 24.86 -7.90 -26.91
N SER A 15 24.34 -7.51 -25.75
CA SER A 15 25.12 -7.55 -24.51
C SER A 15 24.76 -8.74 -23.64
N GLY A 16 24.26 -9.81 -24.24
CA GLY A 16 23.97 -11.03 -23.51
C GLY A 16 25.25 -11.75 -23.15
N PHE A 17 25.13 -12.95 -22.58
CA PHE A 17 26.31 -13.69 -22.15
C PHE A 17 27.26 -13.99 -23.31
N PHE A 18 26.72 -14.28 -24.49
CA PHE A 18 27.57 -14.55 -25.63
C PHE A 18 28.37 -13.30 -25.99
N GLY A 19 27.67 -12.19 -26.19
CA GLY A 19 28.29 -10.93 -26.55
C GLY A 19 29.36 -10.48 -25.57
N LEU A 20 29.03 -10.49 -24.28
CA LEU A 20 29.97 -10.00 -23.27
C LEU A 20 31.18 -10.92 -23.14
N THR A 21 30.95 -12.23 -23.30
CA THR A 21 32.05 -13.20 -23.26
C THR A 21 33.02 -12.93 -24.40
N ILE A 22 32.47 -12.63 -25.56
CA ILE A 22 33.28 -12.29 -26.72
C ILE A 22 34.00 -10.97 -26.47
N ALA A 23 33.25 -9.98 -26.02
CA ALA A 23 33.80 -8.65 -25.74
C ALA A 23 34.90 -8.71 -24.68
N GLU A 24 34.64 -9.43 -23.59
CA GLU A 24 35.60 -9.50 -22.49
C GLU A 24 36.90 -10.20 -22.90
N ARG A 25 36.77 -11.33 -23.59
CA ARG A 25 37.94 -12.09 -24.02
C ARG A 25 38.81 -11.29 -24.98
N VAL A 26 38.17 -10.65 -25.95
CA VAL A 26 38.90 -9.86 -26.95
C VAL A 26 39.61 -8.69 -26.30
N ALA A 27 38.87 -7.93 -25.50
CA ALA A 27 39.43 -6.79 -24.78
C ALA A 27 40.60 -7.19 -23.87
N THR A 28 40.38 -8.20 -23.05
CA THR A 28 41.31 -8.54 -21.99
C THR A 28 42.52 -9.34 -22.48
N GLN A 29 42.27 -10.33 -23.33
CA GLN A 29 43.33 -11.24 -23.74
C GLN A 29 44.09 -10.77 -24.97
N LEU A 30 43.47 -9.91 -25.78
CA LEU A 30 44.11 -9.44 -27.01
C LEU A 30 44.45 -7.95 -26.98
N ASP A 31 44.03 -7.28 -25.91
CA ASP A 31 44.26 -5.83 -25.75
C ASP A 31 43.64 -5.04 -26.90
N LYS A 32 42.40 -5.36 -27.23
CA LYS A 32 41.70 -4.72 -28.32
C LYS A 32 40.51 -3.93 -27.81
N ARG A 33 40.04 -2.98 -28.60
CA ARG A 33 38.90 -2.16 -28.20
C ARG A 33 37.62 -2.68 -28.83
N VAL A 34 36.61 -2.92 -27.98
CA VAL A 34 35.36 -3.49 -28.43
C VAL A 34 34.19 -2.54 -28.20
N LEU A 35 33.41 -2.32 -29.25
CA LEU A 35 32.16 -1.60 -29.10
C LEU A 35 31.03 -2.60 -29.02
N VAL A 36 30.33 -2.60 -27.90
CA VAL A 36 29.19 -3.48 -27.73
C VAL A 36 27.94 -2.66 -27.90
N LEU A 37 27.04 -3.14 -28.74
CA LEU A 37 25.81 -2.41 -29.02
C LEU A 37 24.61 -3.20 -28.55
N GLU A 38 23.82 -2.58 -27.68
CA GLU A 38 22.67 -3.22 -27.07
C GLU A 38 21.42 -2.40 -27.35
N ARG A 39 20.44 -3.03 -27.98
CA ARG A 39 19.19 -2.40 -28.38
C ARG A 39 18.37 -2.02 -27.14
N ARG A 40 18.52 -2.80 -26.07
CA ARG A 40 17.77 -2.63 -24.84
C ARG A 40 18.37 -1.53 -23.95
N PRO A 41 17.60 -1.07 -22.94
CA PRO A 41 18.11 -0.06 -21.99
C PRO A 41 19.09 -0.62 -20.96
N HIS A 42 19.34 -1.92 -21.00
CA HIS A 42 20.22 -2.55 -20.02
C HIS A 42 21.05 -3.64 -20.68
N ILE A 43 22.17 -4.00 -20.06
CA ILE A 43 22.97 -5.09 -20.58
C ILE A 43 22.50 -6.43 -20.02
N GLY A 44 23.13 -7.50 -20.46
CA GLY A 44 22.88 -8.81 -19.89
C GLY A 44 21.87 -9.67 -20.64
N GLY A 45 21.24 -9.09 -21.67
CA GLY A 45 20.25 -9.81 -22.42
C GLY A 45 19.11 -10.28 -21.55
N ASN A 46 18.71 -11.54 -21.72
CA ASN A 46 17.61 -12.10 -20.96
C ASN A 46 18.01 -12.47 -19.53
N ALA A 47 19.29 -12.37 -19.21
CA ALA A 47 19.77 -12.71 -17.88
C ALA A 47 19.69 -11.53 -16.94
N TYR A 48 19.27 -10.37 -17.44
CA TYR A 48 19.23 -9.16 -16.64
C TYR A 48 18.28 -9.33 -15.45
N SER A 49 18.75 -8.96 -14.27
CA SER A 49 17.97 -9.07 -13.05
C SER A 49 17.82 -7.71 -12.38
N GLU A 50 16.83 -7.61 -11.49
CA GLU A 50 16.50 -6.33 -10.88
C GLU A 50 15.80 -6.53 -9.54
N ALA A 51 16.25 -5.80 -8.52
CA ALA A 51 15.66 -5.91 -7.20
C ALA A 51 14.29 -5.27 -7.16
N GLU A 52 13.31 -6.02 -6.67
CA GLU A 52 11.96 -5.50 -6.47
C GLU A 52 11.99 -4.54 -5.27
N PRO A 53 11.48 -3.31 -5.46
CA PRO A 53 11.57 -2.20 -4.50
C PRO A 53 11.05 -2.52 -3.09
N GLN A 54 9.84 -3.06 -3.00
CA GLN A 54 9.21 -3.30 -1.72
C GLN A 54 9.94 -4.34 -0.86
N THR A 55 10.39 -5.43 -1.49
CA THR A 55 10.98 -6.53 -0.73
C THR A 55 12.50 -6.54 -0.80
N GLY A 56 13.05 -6.01 -1.89
CA GLY A 56 14.49 -6.05 -2.09
C GLY A 56 14.92 -7.32 -2.81
N ILE A 57 13.96 -8.21 -3.01
CA ILE A 57 14.21 -9.49 -3.66
C ILE A 57 14.58 -9.34 -5.12
N GLU A 58 15.68 -9.96 -5.51
CA GLU A 58 16.13 -9.91 -6.89
C GLU A 58 15.16 -10.66 -7.82
N VAL A 59 14.74 -9.99 -8.90
CA VAL A 59 13.85 -10.60 -9.87
C VAL A 59 14.53 -10.77 -11.21
N HIS A 60 14.53 -12.00 -11.71
CA HIS A 60 15.02 -12.29 -13.05
C HIS A 60 13.93 -11.84 -14.04
N LYS A 61 14.14 -10.67 -14.64
CA LYS A 61 13.13 -10.00 -15.45
C LYS A 61 12.65 -10.79 -16.66
N TYR A 62 13.53 -11.60 -17.25
CA TYR A 62 13.17 -12.38 -18.43
C TYR A 62 13.11 -13.87 -18.13
N GLY A 63 12.51 -14.21 -16.99
CA GLY A 63 12.37 -15.60 -16.61
C GLY A 63 13.52 -16.07 -15.77
N ALA A 64 13.27 -17.06 -14.92
CA ALA A 64 14.28 -17.52 -13.98
C ALA A 64 15.53 -18.01 -14.70
N HIS A 65 16.67 -17.51 -14.27
CA HIS A 65 17.94 -17.97 -14.80
C HIS A 65 18.72 -18.74 -13.75
N LEU A 66 18.90 -20.04 -13.97
CA LEU A 66 19.66 -20.88 -13.06
C LEU A 66 20.93 -21.36 -13.76
N PHE A 67 22.09 -20.99 -13.22
CA PHE A 67 23.35 -21.35 -13.86
C PHE A 67 23.85 -22.73 -13.43
N HIS A 68 24.35 -23.49 -14.41
CA HIS A 68 24.80 -24.85 -14.18
C HIS A 68 25.65 -25.30 -15.37
N THR A 69 26.75 -26.01 -15.10
CA THR A 69 27.57 -26.57 -16.14
C THR A 69 28.46 -27.70 -15.63
N SER A 70 28.88 -28.58 -16.55
CA SER A 70 29.84 -29.62 -16.23
C SER A 70 31.18 -29.25 -16.82
N ASN A 71 31.20 -28.12 -17.52
CA ASN A 71 32.42 -27.60 -18.13
C ASN A 71 33.24 -26.84 -17.09
N LYS A 72 34.38 -27.40 -16.70
CA LYS A 72 35.23 -26.78 -15.69
C LYS A 72 35.83 -25.46 -16.18
N ARG A 73 36.19 -25.43 -17.46
CA ARG A 73 36.76 -24.22 -18.05
C ARG A 73 35.79 -23.06 -17.92
N VAL A 74 34.52 -23.31 -18.27
CA VAL A 74 33.48 -22.30 -18.16
C VAL A 74 33.27 -21.91 -16.70
N TRP A 75 33.22 -22.91 -15.82
CA TRP A 75 33.02 -22.70 -14.40
C TRP A 75 34.11 -21.77 -13.83
N ASP A 76 35.35 -22.04 -14.18
CA ASP A 76 36.48 -21.22 -13.74
C ASP A 76 36.42 -19.81 -14.33
N TYR A 77 35.90 -19.71 -15.55
CA TYR A 77 35.83 -18.43 -16.24
C TYR A 77 34.81 -17.50 -15.61
N VAL A 78 33.59 -18.00 -15.40
CA VAL A 78 32.50 -17.17 -14.89
C VAL A 78 32.74 -16.74 -13.45
N ARG A 79 33.54 -17.51 -12.71
CA ARG A 79 33.84 -17.17 -11.31
C ARG A 79 34.85 -16.03 -11.23
N GLN A 80 35.34 -15.57 -12.38
CA GLN A 80 36.22 -14.42 -12.41
C GLN A 80 35.41 -13.15 -12.20
N PHE A 81 34.11 -13.25 -12.42
CA PHE A 81 33.24 -12.08 -12.46
C PHE A 81 32.19 -12.11 -11.35
N THR A 82 32.04 -13.27 -10.72
CA THR A 82 31.01 -13.43 -9.71
C THR A 82 31.29 -14.62 -8.80
N ASP A 83 30.78 -14.54 -7.57
CA ASP A 83 30.71 -15.71 -6.70
C ASP A 83 29.40 -16.42 -6.95
N PHE A 84 29.33 -17.69 -6.57
CA PHE A 84 28.08 -18.44 -6.68
C PHE A 84 27.66 -19.01 -5.33
N THR A 85 26.35 -18.96 -5.05
CA THR A 85 25.80 -19.58 -3.86
C THR A 85 25.71 -21.10 -4.05
N ASP A 86 25.38 -21.80 -2.97
CA ASP A 86 25.24 -23.25 -3.02
C ASP A 86 23.83 -23.69 -3.37
N TYR A 87 23.08 -22.82 -4.05
CA TYR A 87 21.72 -23.16 -4.44
C TYR A 87 21.72 -24.32 -5.43
N ARG A 88 20.86 -25.30 -5.19
CA ARG A 88 20.62 -26.40 -6.13
C ARG A 88 19.19 -26.29 -6.61
N HIS A 89 18.98 -26.21 -7.92
CA HIS A 89 17.64 -25.99 -8.44
C HIS A 89 16.77 -27.23 -8.38
N ARG A 90 15.60 -27.08 -7.78
CA ARG A 90 14.60 -28.13 -7.78
C ARG A 90 13.26 -27.56 -8.24
N VAL A 91 12.56 -28.34 -9.04
CA VAL A 91 11.26 -27.93 -9.56
C VAL A 91 10.19 -28.89 -9.07
N PHE A 92 9.05 -28.34 -8.67
CA PHE A 92 7.89 -29.15 -8.36
C PHE A 92 6.83 -28.97 -9.43
N ALA A 93 6.02 -30.00 -9.64
CA ALA A 93 5.01 -29.97 -10.69
C ALA A 93 3.62 -30.06 -10.10
N MET A 94 2.73 -29.19 -10.55
CA MET A 94 1.36 -29.16 -10.08
C MET A 94 0.45 -29.88 -11.07
N HIS A 95 -0.25 -30.90 -10.59
CA HIS A 95 -1.12 -31.70 -11.45
C HIS A 95 -2.34 -32.19 -10.68
N ASN A 96 -3.51 -31.77 -11.14
CA ASN A 96 -4.78 -32.12 -10.51
C ASN A 96 -4.82 -31.81 -9.02
N GLY A 97 -4.37 -30.62 -8.65
CA GLY A 97 -4.47 -30.16 -7.27
C GLY A 97 -3.45 -30.75 -6.32
N GLN A 98 -2.52 -31.54 -6.86
CA GLN A 98 -1.45 -32.10 -6.05
C GLN A 98 -0.10 -31.65 -6.56
N ALA A 99 0.82 -31.37 -5.65
CA ALA A 99 2.18 -31.04 -6.02
C ALA A 99 3.03 -32.30 -6.03
N TYR A 100 3.78 -32.50 -7.11
CA TYR A 100 4.59 -33.70 -7.28
C TYR A 100 6.08 -33.40 -7.28
N GLN A 101 6.87 -34.35 -6.77
CA GLN A 101 8.31 -34.29 -6.94
C GLN A 101 8.62 -34.45 -8.42
N PHE A 102 9.71 -33.84 -8.87
CA PHE A 102 9.97 -33.68 -10.29
C PHE A 102 11.47 -33.43 -10.46
N PRO A 103 12.05 -33.84 -11.60
CA PRO A 103 11.44 -34.54 -12.73
C PRO A 103 11.29 -36.04 -12.51
N MET A 104 11.62 -36.82 -13.54
CA MET A 104 11.45 -38.26 -13.50
C MET A 104 12.35 -38.88 -12.43
N GLY A 105 11.72 -39.61 -11.50
CA GLY A 105 12.42 -40.26 -10.42
C GLY A 105 11.46 -41.02 -9.52
N LEU A 106 11.99 -41.60 -8.46
CA LEU A 106 11.19 -42.38 -7.51
C LEU A 106 10.16 -41.53 -6.79
N GLY A 107 10.48 -40.27 -6.57
CA GLY A 107 9.57 -39.37 -5.89
C GLY A 107 8.31 -39.18 -6.72
N LEU A 108 8.51 -38.84 -7.99
CA LEU A 108 7.43 -38.68 -8.94
C LEU A 108 6.63 -39.97 -9.09
N VAL A 109 7.34 -41.07 -9.33
CA VAL A 109 6.69 -42.35 -9.58
C VAL A 109 5.84 -42.81 -8.38
N SER A 110 6.40 -42.75 -7.18
CA SER A 110 5.67 -43.16 -5.98
C SER A 110 4.43 -42.31 -5.74
N GLN A 111 4.54 -41.01 -5.97
CA GLN A 111 3.39 -40.12 -5.79
C GLN A 111 2.30 -40.42 -6.81
N PHE A 112 2.69 -40.42 -8.08
CA PHE A 112 1.72 -40.53 -9.16
C PHE A 112 1.06 -41.90 -9.23
N PHE A 113 1.79 -42.94 -8.84
CA PHE A 113 1.23 -44.30 -8.92
C PHE A 113 0.78 -44.81 -7.55
N GLY A 114 0.86 -43.94 -6.54
CA GLY A 114 0.19 -44.19 -5.28
C GLY A 114 0.83 -45.14 -4.29
N LYS A 115 1.98 -45.73 -4.65
CA LYS A 115 2.73 -46.56 -3.71
C LYS A 115 4.22 -46.46 -4.00
N TYR A 116 5.05 -46.93 -3.06
CA TYR A 116 6.49 -46.86 -3.22
C TYR A 116 7.00 -47.88 -4.24
N PHE A 117 7.89 -47.43 -5.12
CA PHE A 117 8.56 -48.30 -6.07
C PHE A 117 10.06 -48.33 -5.81
N THR A 118 10.63 -49.52 -5.67
CA THR A 118 12.08 -49.66 -5.58
C THR A 118 12.67 -49.21 -6.91
N PRO A 119 13.96 -48.82 -6.92
CA PRO A 119 14.62 -48.49 -8.19
C PRO A 119 14.42 -49.56 -9.27
N GLU A 120 14.43 -50.82 -8.87
CA GLU A 120 14.23 -51.92 -9.80
C GLU A 120 12.78 -51.97 -10.28
N GLN A 121 11.85 -51.84 -9.34
CA GLN A 121 10.43 -51.88 -9.66
C GLN A 121 10.01 -50.71 -10.53
N ALA A 122 10.65 -49.56 -10.34
CA ALA A 122 10.34 -48.36 -11.10
C ALA A 122 10.82 -48.51 -12.55
N ARG A 123 12.02 -49.04 -12.71
CA ARG A 123 12.57 -49.30 -14.04
C ARG A 123 11.65 -50.22 -14.82
N GLN A 124 11.15 -51.26 -14.15
CA GLN A 124 10.26 -52.24 -14.76
C GLN A 124 8.94 -51.61 -15.20
N LEU A 125 8.36 -50.79 -14.33
CA LEU A 125 7.09 -50.14 -14.60
C LEU A 125 7.17 -49.20 -15.80
N ILE A 126 8.21 -48.37 -15.82
CA ILE A 126 8.38 -47.40 -16.89
C ILE A 126 8.70 -48.10 -18.21
N ALA A 127 9.45 -49.20 -18.12
CA ALA A 127 9.81 -49.98 -19.29
C ALA A 127 8.56 -50.50 -20.00
N GLU A 128 7.58 -50.94 -19.23
CA GLU A 128 6.31 -51.41 -19.78
C GLU A 128 5.58 -50.27 -20.47
N GLN A 129 5.53 -49.12 -19.80
CA GLN A 129 4.78 -47.98 -20.27
C GLN A 129 5.51 -47.20 -21.37
N ALA A 130 6.76 -47.58 -21.63
CA ALA A 130 7.56 -46.96 -22.68
C ALA A 130 7.76 -47.91 -23.85
N ALA A 131 6.90 -48.93 -23.91
CA ALA A 131 7.05 -50.02 -24.87
C ALA A 131 6.82 -49.61 -26.32
N GLU A 132 5.92 -48.67 -26.55
CA GLU A 132 5.56 -48.21 -27.90
C GLU A 132 6.76 -47.79 -28.73
N ILE A 133 7.69 -47.07 -28.08
CA ILE A 133 8.82 -46.48 -28.77
C ILE A 133 10.07 -46.60 -27.89
N ASP A 134 11.21 -46.89 -28.52
CA ASP A 134 12.48 -46.95 -27.81
C ASP A 134 13.29 -45.67 -28.07
N THR A 135 14.01 -45.22 -27.05
CA THR A 135 14.73 -43.94 -27.08
C THR A 135 15.64 -43.76 -28.30
N ALA A 136 16.28 -44.83 -28.71
CA ALA A 136 17.16 -44.79 -29.87
C ALA A 136 16.38 -44.46 -31.15
N ASP A 137 15.14 -44.91 -31.19
CA ASP A 137 14.29 -44.74 -32.38
C ASP A 137 13.51 -43.42 -32.37
N ALA A 138 13.47 -42.76 -31.22
CA ALA A 138 12.64 -41.57 -31.05
C ALA A 138 13.13 -40.39 -31.88
N GLN A 139 12.22 -39.79 -32.64
CA GLN A 139 12.55 -38.69 -33.54
C GLN A 139 12.17 -37.33 -32.94
N ASN A 140 10.96 -37.26 -32.39
CA ASN A 140 10.40 -36.03 -31.87
C ASN A 140 10.27 -36.00 -30.35
N LEU A 141 9.72 -34.90 -29.83
CA LEU A 141 9.55 -34.71 -28.39
C LEU A 141 8.62 -35.77 -27.77
N GLU A 142 7.45 -35.96 -28.37
CA GLU A 142 6.48 -36.90 -27.82
C GLU A 142 7.05 -38.32 -27.72
N GLU A 143 7.69 -38.78 -28.80
CA GLU A 143 8.24 -40.11 -28.82
C GLU A 143 9.36 -40.28 -27.78
N LYS A 144 10.24 -39.29 -27.71
CA LYS A 144 11.36 -39.35 -26.77
C LYS A 144 10.86 -39.34 -25.33
N ALA A 145 9.86 -38.50 -25.07
CA ALA A 145 9.32 -38.37 -23.72
C ALA A 145 8.65 -39.66 -23.25
N ILE A 146 7.86 -40.26 -24.14
CA ILE A 146 7.18 -41.52 -23.84
C ILE A 146 8.19 -42.64 -23.61
N SER A 147 9.28 -42.62 -24.36
CA SER A 147 10.32 -43.63 -24.26
C SER A 147 11.21 -43.44 -23.04
N LEU A 148 11.07 -42.30 -22.37
CA LEU A 148 11.92 -41.98 -21.24
C LEU A 148 11.18 -42.06 -19.91
N ILE A 149 9.90 -41.70 -19.92
CA ILE A 149 9.13 -41.67 -18.69
C ILE A 149 7.81 -42.43 -18.78
N GLY A 150 7.55 -43.05 -19.93
CA GLY A 150 6.34 -43.82 -20.11
C GLY A 150 5.16 -42.91 -20.45
N ARG A 151 4.13 -43.49 -21.06
CA ARG A 151 3.00 -42.69 -21.54
C ARG A 151 2.13 -42.06 -20.44
N PRO A 152 1.82 -42.82 -19.37
CA PRO A 152 1.01 -42.17 -18.32
C PRO A 152 1.65 -40.90 -17.74
N LEU A 153 2.95 -40.91 -17.51
CA LEU A 153 3.65 -39.72 -17.01
C LEU A 153 3.77 -38.66 -18.09
N TYR A 154 3.93 -39.09 -19.33
CA TYR A 154 4.03 -38.17 -20.44
C TYR A 154 2.75 -37.34 -20.57
N GLU A 155 1.61 -38.02 -20.54
CA GLU A 155 0.32 -37.37 -20.68
C GLU A 155 -0.01 -36.47 -19.51
N ALA A 156 0.47 -36.83 -18.33
CA ALA A 156 0.14 -36.09 -17.12
C ALA A 156 1.05 -34.88 -16.91
N PHE A 157 2.32 -35.00 -17.29
CA PHE A 157 3.31 -33.98 -16.94
C PHE A 157 4.05 -33.34 -18.12
N VAL A 158 3.90 -33.89 -19.31
CA VAL A 158 4.61 -33.34 -20.46
C VAL A 158 3.65 -32.76 -21.51
N LYS A 159 2.61 -33.50 -21.85
CA LYS A 159 1.73 -33.12 -22.95
C LYS A 159 1.06 -31.76 -22.74
N GLY A 160 0.48 -31.56 -21.56
CA GLY A 160 -0.16 -30.30 -21.24
C GLY A 160 0.83 -29.15 -21.21
N TYR A 161 1.89 -29.31 -20.44
CA TYR A 161 2.93 -28.29 -20.33
C TYR A 161 3.50 -27.92 -21.69
N THR A 162 3.75 -28.93 -22.52
CA THR A 162 4.31 -28.70 -23.85
C THR A 162 3.32 -27.94 -24.74
N ALA A 163 2.03 -28.24 -24.58
CA ALA A 163 0.98 -27.53 -25.32
C ALA A 163 1.00 -26.03 -25.02
N LYS A 164 1.17 -25.67 -23.75
CA LYS A 164 1.14 -24.27 -23.35
C LYS A 164 2.44 -23.55 -23.70
N GLN A 165 3.54 -24.29 -23.65
CA GLN A 165 4.87 -23.71 -23.87
C GLN A 165 5.19 -23.53 -25.35
N TRP A 166 4.65 -24.41 -26.19
CA TRP A 166 5.02 -24.44 -27.60
C TRP A 166 3.85 -24.23 -28.56
N GLN A 167 2.66 -24.64 -28.13
CA GLN A 167 1.49 -24.65 -29.00
C GLN A 167 1.82 -25.25 -30.37
N THR A 168 2.60 -26.33 -30.33
CA THR A 168 3.01 -27.03 -31.53
C THR A 168 2.91 -28.52 -31.27
N ASP A 169 2.48 -29.26 -32.29
CA ASP A 169 2.40 -30.72 -32.23
C ASP A 169 3.69 -31.30 -31.66
N PRO A 170 3.58 -32.05 -30.55
CA PRO A 170 4.73 -32.70 -29.91
C PRO A 170 5.50 -33.61 -30.87
N LYS A 171 4.82 -34.07 -31.93
CA LYS A 171 5.48 -34.89 -32.93
C LYS A 171 6.30 -34.02 -33.88
N GLU A 172 6.13 -32.70 -33.76
CA GLU A 172 6.85 -31.75 -34.61
C GLU A 172 8.00 -31.06 -33.88
N LEU A 173 8.07 -31.27 -32.57
CA LEU A 173 9.12 -30.64 -31.76
C LEU A 173 10.32 -31.58 -31.61
N PRO A 174 11.53 -31.00 -31.49
CA PRO A 174 12.77 -31.78 -31.35
C PRO A 174 12.77 -32.65 -30.11
N ALA A 175 13.43 -33.80 -30.17
CA ALA A 175 13.54 -34.67 -29.01
C ALA A 175 14.43 -34.03 -27.96
N ALA A 176 15.38 -33.20 -28.42
CA ALA A 176 16.35 -32.55 -27.54
C ALA A 176 15.68 -31.69 -26.47
N ASN A 177 14.45 -31.24 -26.75
CA ASN A 177 13.71 -30.42 -25.80
C ASN A 177 13.43 -31.14 -24.48
N ILE A 178 12.95 -32.37 -24.58
CA ILE A 178 12.55 -33.11 -23.38
C ILE A 178 13.75 -33.74 -22.70
N THR A 179 14.82 -34.01 -23.46
CA THR A 179 16.04 -34.59 -22.88
C THR A 179 16.88 -33.56 -22.14
N ARG A 180 16.35 -32.35 -21.99
CA ARG A 180 16.97 -31.36 -21.13
C ARG A 180 16.76 -31.76 -19.67
N LEU A 181 15.72 -32.55 -19.45
CA LEU A 181 15.34 -32.96 -18.11
C LEU A 181 15.97 -34.30 -17.75
N PRO A 182 16.67 -34.35 -16.61
CA PRO A 182 17.23 -35.63 -16.13
C PRO A 182 16.16 -36.69 -15.96
N VAL A 183 16.49 -37.92 -16.36
CA VAL A 183 15.63 -39.06 -16.13
C VAL A 183 16.31 -39.97 -15.11
N ARG A 184 15.71 -40.10 -13.94
CA ARG A 184 16.36 -40.80 -12.84
C ARG A 184 15.48 -41.91 -12.23
N TYR A 185 16.12 -42.84 -11.54
CA TYR A 185 15.38 -43.86 -10.81
C TYR A 185 15.82 -43.86 -9.34
N THR A 186 16.10 -42.65 -8.86
CA THR A 186 16.39 -42.40 -7.46
C THR A 186 15.43 -41.34 -6.92
N PHE A 187 15.64 -40.94 -5.67
CA PHE A 187 14.84 -39.86 -5.10
C PHE A 187 15.52 -38.50 -5.28
N ASP A 188 16.59 -38.47 -6.08
CA ASP A 188 17.28 -37.24 -6.41
C ASP A 188 16.41 -36.38 -7.34
N ASN A 189 15.89 -35.28 -6.81
CA ASN A 189 15.04 -34.39 -7.59
C ASN A 189 15.73 -33.10 -7.98
N ARG A 190 17.04 -33.16 -8.17
CA ARG A 190 17.76 -32.01 -8.70
C ARG A 190 17.33 -31.83 -10.15
N TYR A 191 16.99 -30.60 -10.51
CA TYR A 191 16.42 -30.37 -11.83
C TYR A 191 17.51 -30.40 -12.89
N PHE A 192 18.76 -30.24 -12.45
CA PHE A 192 19.91 -30.31 -13.35
C PHE A 192 20.87 -31.39 -12.88
N SER A 193 21.69 -31.88 -13.80
CA SER A 193 22.62 -32.96 -13.50
C SER A 193 24.07 -32.58 -13.77
N ASP A 194 24.35 -31.29 -13.81
CA ASP A 194 25.71 -30.83 -14.06
C ASP A 194 26.56 -30.80 -12.78
N THR A 195 27.87 -30.86 -12.98
CA THR A 195 28.84 -30.88 -11.89
C THR A 195 28.79 -29.63 -11.02
N TYR A 196 28.75 -28.47 -11.67
CA TYR A 196 28.75 -27.19 -10.95
C TYR A 196 27.42 -26.46 -11.14
N GLU A 197 26.95 -25.83 -10.08
CA GLU A 197 25.65 -25.16 -10.11
C GLU A 197 25.58 -24.07 -9.04
N GLY A 198 24.89 -22.98 -9.34
CA GLY A 198 24.72 -21.91 -8.38
C GLY A 198 24.06 -20.67 -8.93
N LEU A 199 23.62 -19.80 -8.02
CA LEU A 199 23.15 -18.48 -8.37
C LEU A 199 24.23 -17.47 -8.07
N PRO A 200 24.34 -16.41 -8.89
CA PRO A 200 25.30 -15.34 -8.63
C PRO A 200 25.01 -14.68 -7.29
N THR A 201 25.99 -14.70 -6.39
CA THR A 201 25.80 -14.23 -5.02
C THR A 201 25.24 -12.82 -4.96
N ASP A 202 25.77 -11.94 -5.81
CA ASP A 202 25.36 -10.54 -5.80
C ASP A 202 24.42 -10.23 -6.97
N GLY A 203 23.80 -11.26 -7.52
CA GLY A 203 22.83 -11.07 -8.59
C GLY A 203 23.44 -11.13 -9.98
N TYR A 204 22.58 -11.27 -10.99
CA TYR A 204 23.02 -11.41 -12.36
C TYR A 204 23.60 -10.14 -12.94
N THR A 205 22.97 -9.00 -12.63
CA THR A 205 23.38 -7.74 -13.24
C THR A 205 24.81 -7.37 -12.83
N ALA A 206 25.14 -7.58 -11.56
CA ALA A 206 26.50 -7.33 -11.09
C ALA A 206 27.49 -8.19 -11.85
N TRP A 207 27.14 -9.45 -12.02
CA TRP A 207 27.96 -10.41 -12.76
C TRP A 207 28.19 -9.94 -14.19
N LEU A 208 27.11 -9.52 -14.85
CA LEU A 208 27.18 -9.03 -16.23
C LEU A 208 27.96 -7.71 -16.33
N GLN A 209 27.82 -6.86 -15.33
CA GLN A 209 28.52 -5.58 -15.34
C GLN A 209 30.02 -5.79 -15.16
N ASN A 210 30.38 -6.81 -14.39
CA ASN A 210 31.80 -7.13 -14.20
C ASN A 210 32.44 -7.59 -15.50
N MET A 211 31.67 -8.30 -16.32
CA MET A 211 32.19 -8.80 -17.58
C MET A 211 32.47 -7.67 -18.56
N ALA A 212 31.60 -6.67 -18.58
CA ALA A 212 31.77 -5.52 -19.48
C ALA A 212 32.55 -4.38 -18.84
N ALA A 213 33.08 -4.61 -17.64
CA ALA A 213 33.70 -3.54 -16.86
C ALA A 213 35.00 -3.01 -17.48
N ASP A 214 35.68 -3.84 -18.27
CA ASP A 214 36.98 -3.46 -18.84
C ASP A 214 36.89 -2.15 -19.60
N HIS A 215 37.91 -1.31 -19.44
CA HIS A 215 37.89 0.03 -20.01
C HIS A 215 37.94 0.02 -21.53
N ARG A 216 38.46 -1.06 -22.10
CA ARG A 216 38.54 -1.21 -23.54
C ARG A 216 37.19 -1.66 -24.12
N ILE A 217 36.24 -1.95 -23.24
CA ILE A 217 34.88 -2.30 -23.67
C ILE A 217 33.93 -1.13 -23.51
N GLU A 218 33.29 -0.73 -24.60
CA GLU A 218 32.27 0.30 -24.51
C GLU A 218 30.92 -0.26 -24.91
N VAL A 219 29.97 -0.16 -23.99
CA VAL A 219 28.62 -0.64 -24.25
C VAL A 219 27.66 0.53 -24.47
N ARG A 220 27.03 0.56 -25.64
CA ARG A 220 26.03 1.57 -25.90
C ARG A 220 24.64 0.97 -25.77
N LEU A 221 23.88 1.46 -24.81
CA LEU A 221 22.54 0.98 -24.60
C LEU A 221 21.56 1.74 -25.47
N ASN A 222 20.38 1.17 -25.67
CA ASN A 222 19.35 1.78 -26.49
C ASN A 222 19.86 2.09 -27.89
N THR A 223 20.60 1.15 -28.46
CA THR A 223 21.19 1.35 -29.77
C THR A 223 21.00 0.12 -30.64
N ASP A 224 20.16 0.24 -31.66
CA ASP A 224 19.98 -0.87 -32.58
C ASP A 224 21.08 -0.82 -33.63
N TRP A 225 21.73 -1.96 -33.82
CA TRP A 225 22.88 -2.10 -34.72
C TRP A 225 22.55 -1.66 -36.15
N PHE A 226 21.34 -1.94 -36.59
CA PHE A 226 20.92 -1.62 -37.94
C PHE A 226 20.67 -0.13 -38.11
N ASP A 227 20.70 0.61 -37.00
CA ASP A 227 20.53 2.07 -37.03
C ASP A 227 21.87 2.80 -37.12
N VAL A 228 22.95 2.11 -36.77
CA VAL A 228 24.23 2.78 -36.60
C VAL A 228 25.39 2.10 -37.34
N ARG A 229 25.13 0.94 -37.94
CA ARG A 229 26.21 0.19 -38.58
C ARG A 229 26.72 0.90 -39.83
N GLY A 230 25.87 1.69 -40.45
CA GLY A 230 26.26 2.45 -41.64
C GLY A 230 27.32 3.47 -41.33
N GLN A 231 27.36 3.93 -40.08
CA GLN A 231 28.29 4.98 -39.66
C GLN A 231 29.50 4.43 -38.94
N LEU A 232 29.28 3.41 -38.10
CA LEU A 232 30.32 2.87 -37.25
C LEU A 232 31.38 2.09 -38.02
N ARG A 233 30.93 1.18 -38.87
CA ARG A 233 31.84 0.31 -39.62
C ARG A 233 32.82 1.08 -40.53
N PRO A 234 32.37 2.17 -41.17
CA PRO A 234 33.40 2.97 -41.87
C PRO A 234 34.48 3.49 -40.95
N GLY A 235 34.13 3.80 -39.71
CA GLY A 235 35.09 4.28 -38.73
C GLY A 235 36.09 3.21 -38.33
N SER A 236 35.69 1.95 -38.49
CA SER A 236 36.56 0.82 -38.18
C SER A 236 36.36 -0.29 -39.20
N PRO A 237 36.86 -0.08 -40.43
CA PRO A 237 36.56 -0.92 -41.59
C PRO A 237 37.03 -2.37 -41.45
N ALA A 238 38.16 -2.56 -40.78
CA ALA A 238 38.75 -3.89 -40.65
C ALA A 238 38.10 -4.70 -39.54
N ALA A 239 37.39 -4.01 -38.64
CA ALA A 239 36.79 -4.63 -37.47
C ALA A 239 35.69 -5.63 -37.81
N PRO A 240 35.81 -6.86 -37.32
CA PRO A 240 34.74 -7.86 -37.53
C PRO A 240 33.49 -7.51 -36.73
N VAL A 241 32.37 -8.14 -37.07
CA VAL A 241 31.13 -7.93 -36.34
C VAL A 241 30.58 -9.24 -35.79
N VAL A 242 30.40 -9.30 -34.48
CA VAL A 242 29.78 -10.47 -33.87
C VAL A 242 28.33 -10.15 -33.58
N TYR A 243 27.43 -10.79 -34.31
CA TYR A 243 26.01 -10.52 -34.18
C TYR A 243 25.30 -11.64 -33.41
N THR A 244 24.52 -11.25 -32.40
CA THR A 244 23.85 -12.23 -31.54
C THR A 244 22.33 -12.04 -31.49
N GLY A 245 21.82 -11.12 -32.30
CA GLY A 245 20.38 -10.94 -32.42
C GLY A 245 19.77 -12.04 -33.27
N PRO A 246 18.46 -11.96 -33.53
CA PRO A 246 17.76 -12.97 -34.34
C PRO A 246 18.34 -13.11 -35.75
N LEU A 247 18.68 -14.34 -36.13
CA LEU A 247 19.32 -14.62 -37.42
C LEU A 247 18.45 -14.24 -38.62
N ASP A 248 17.18 -14.61 -38.59
CA ASP A 248 16.26 -14.28 -39.67
C ASP A 248 16.09 -12.77 -39.81
N ARG A 249 16.05 -12.07 -38.68
CA ARG A 249 15.86 -10.62 -38.68
C ARG A 249 17.06 -9.91 -39.29
N TYR A 250 18.25 -10.51 -39.16
CA TYR A 250 19.45 -9.91 -39.71
C TYR A 250 19.36 -9.75 -41.22
N PHE A 251 18.63 -10.67 -41.85
CA PHE A 251 18.44 -10.62 -43.30
C PHE A 251 17.03 -10.16 -43.67
N ASP A 252 16.45 -9.29 -42.86
CA ASP A 252 15.12 -8.72 -43.11
C ASP A 252 14.05 -9.76 -43.39
N TYR A 253 14.20 -10.94 -42.82
CA TYR A 253 13.28 -12.07 -43.02
C TYR A 253 13.14 -12.41 -44.50
N ALA A 254 14.25 -12.32 -45.23
CA ALA A 254 14.27 -12.50 -46.69
C ALA A 254 13.70 -13.85 -47.14
N GLU A 255 14.24 -14.93 -46.57
CA GLU A 255 13.82 -16.29 -46.93
C GLU A 255 12.52 -16.70 -46.26
N GLY A 256 12.13 -15.96 -45.23
CA GLY A 256 10.95 -16.30 -44.45
C GLY A 256 11.18 -16.07 -42.97
N ARG A 257 10.19 -16.44 -42.15
CA ARG A 257 10.25 -16.19 -40.72
C ARG A 257 10.39 -17.48 -39.93
N LEU A 258 11.48 -17.59 -39.16
CA LEU A 258 11.69 -18.73 -38.28
C LEU A 258 10.68 -18.71 -37.14
N GLY A 259 10.19 -19.89 -36.76
CA GLY A 259 9.26 -19.99 -35.66
C GLY A 259 9.93 -19.82 -34.30
N TRP A 260 9.49 -18.83 -33.55
CA TRP A 260 9.95 -18.64 -32.17
C TRP A 260 8.80 -18.61 -31.20
N ARG A 261 9.12 -18.87 -29.93
CA ARG A 261 8.19 -18.60 -28.84
C ARG A 261 8.69 -17.38 -28.08
N THR A 262 7.76 -16.61 -27.54
CA THR A 262 8.13 -15.49 -26.68
C THR A 262 7.41 -15.63 -25.35
N LEU A 263 7.84 -14.86 -24.36
CA LEU A 263 7.26 -14.99 -23.04
C LEU A 263 6.74 -13.67 -22.49
N ASP A 264 5.59 -13.74 -21.84
CA ASP A 264 5.04 -12.63 -21.10
C ASP A 264 5.03 -12.98 -19.62
N PHE A 265 5.33 -12.00 -18.78
CA PHE A 265 5.39 -12.25 -17.34
C PHE A 265 4.41 -11.36 -16.58
N GLU A 266 3.82 -11.93 -15.53
CA GLU A 266 3.05 -11.15 -14.57
C GLU A 266 3.77 -11.15 -13.23
N VAL A 267 4.36 -10.01 -12.88
CA VAL A 267 5.05 -9.88 -11.61
C VAL A 267 4.13 -9.30 -10.55
N GLU A 268 4.00 -10.00 -9.44
CA GLU A 268 3.08 -9.61 -8.40
C GLU A 268 3.72 -9.70 -7.02
N VAL A 269 3.58 -8.63 -6.24
CA VAL A 269 4.02 -8.63 -4.85
C VAL A 269 2.83 -8.95 -3.96
N LEU A 270 2.88 -10.10 -3.29
CA LEU A 270 1.79 -10.52 -2.42
C LEU A 270 2.03 -10.11 -0.97
N PRO A 271 0.95 -9.83 -0.23
CA PRO A 271 1.05 -9.44 1.18
C PRO A 271 1.21 -10.63 2.12
N ILE A 272 1.80 -11.72 1.62
CA ILE A 272 2.13 -12.88 2.44
C ILE A 272 3.62 -13.17 2.29
N GLY A 273 4.17 -13.91 3.25
CA GLY A 273 5.59 -14.18 3.25
C GLY A 273 6.00 -15.26 2.27
N ASP A 274 5.10 -16.21 2.03
CA ASP A 274 5.43 -17.37 1.23
C ASP A 274 4.23 -17.82 0.42
N PHE A 275 4.36 -17.81 -0.90
CA PHE A 275 3.26 -18.16 -1.77
C PHE A 275 3.17 -19.65 -2.07
N GLN A 276 4.30 -20.29 -2.30
CA GLN A 276 4.31 -21.66 -2.72
C GLN A 276 5.37 -22.56 -2.06
N GLY A 277 6.26 -22.00 -1.29
CA GLY A 277 7.23 -22.76 -0.56
C GLY A 277 8.39 -23.28 -1.34
N THR A 278 8.60 -22.72 -2.50
CA THR A 278 9.57 -23.25 -3.41
C THR A 278 9.83 -22.29 -4.59
N ALA A 279 11.00 -22.37 -5.18
CA ALA A 279 11.38 -21.43 -6.20
C ALA A 279 10.57 -21.48 -7.48
N VAL A 280 10.38 -22.65 -8.04
CA VAL A 280 9.64 -22.79 -9.25
C VAL A 280 8.62 -23.88 -9.15
N MET A 281 7.38 -23.54 -9.40
CA MET A 281 6.32 -24.54 -9.46
C MET A 281 5.79 -24.63 -10.88
N ASN A 282 5.99 -25.76 -11.53
CA ASN A 282 5.43 -25.97 -12.86
C ASN A 282 3.92 -26.23 -12.78
N TYR A 283 3.19 -25.74 -13.77
CA TYR A 283 1.76 -26.03 -13.85
C TYR A 283 1.45 -26.81 -15.11
N ASN A 284 1.23 -28.10 -14.94
CA ASN A 284 1.20 -29.03 -16.04
C ASN A 284 -0.20 -29.21 -16.64
N ASP A 285 -1.22 -28.76 -15.90
CA ASP A 285 -2.60 -28.87 -16.38
C ASP A 285 -2.98 -27.70 -17.28
N LEU A 286 -3.88 -27.98 -18.22
CA LEU A 286 -4.32 -26.98 -19.21
C LEU A 286 -5.33 -25.98 -18.64
N ASP A 287 -5.90 -26.29 -17.48
CA ASP A 287 -6.94 -25.44 -16.89
C ASP A 287 -6.35 -24.17 -16.27
N VAL A 288 -5.10 -23.89 -16.61
CA VAL A 288 -4.38 -22.73 -16.12
C VAL A 288 -3.51 -22.21 -17.26
N PRO A 289 -3.58 -20.89 -17.51
CA PRO A 289 -2.91 -20.31 -18.69
C PRO A 289 -1.39 -20.25 -18.58
N TYR A 290 -0.84 -20.17 -17.37
CA TYR A 290 0.61 -20.01 -17.24
C TYR A 290 1.32 -21.36 -17.18
N THR A 291 2.58 -21.37 -17.59
CA THR A 291 3.37 -22.60 -17.62
C THR A 291 3.95 -22.90 -16.24
N ARG A 292 4.37 -21.86 -15.54
CA ARG A 292 4.93 -22.00 -14.22
C ARG A 292 4.87 -20.72 -13.42
N ILE A 293 5.18 -20.83 -12.13
CA ILE A 293 5.24 -19.67 -11.26
C ILE A 293 6.58 -19.64 -10.53
N HIS A 294 7.25 -18.50 -10.60
CA HIS A 294 8.50 -18.30 -9.87
C HIS A 294 8.24 -17.56 -8.57
N GLU A 295 8.79 -18.04 -7.48
CA GLU A 295 8.83 -17.25 -6.24
C GLU A 295 10.28 -17.00 -5.89
N PHE A 296 10.72 -15.76 -6.09
CA PHE A 296 12.15 -15.46 -6.14
C PHE A 296 12.86 -15.42 -4.79
N ARG A 297 12.11 -15.42 -3.70
CA ARG A 297 12.75 -15.42 -2.39
C ARG A 297 13.42 -16.77 -2.12
N HIS A 298 12.88 -17.83 -2.71
CA HIS A 298 13.39 -19.17 -2.49
C HIS A 298 14.66 -19.43 -3.32
N PHE A 299 14.94 -18.54 -4.26
CA PHE A 299 16.20 -18.60 -5.01
C PHE A 299 17.38 -18.31 -4.09
N HIS A 300 17.19 -17.40 -3.13
CA HIS A 300 18.28 -17.00 -2.24
C HIS A 300 17.92 -17.14 -0.77
N PRO A 301 17.90 -18.39 -0.26
CA PRO A 301 17.59 -18.64 1.14
C PRO A 301 18.62 -18.01 2.09
N GLU A 302 19.84 -17.85 1.61
CA GLU A 302 20.92 -17.29 2.42
C GLU A 302 20.74 -15.80 2.67
N ARG A 303 20.01 -15.13 1.79
CA ARG A 303 19.60 -13.76 2.06
C ARG A 303 18.32 -13.80 2.89
N ASP A 304 18.21 -12.92 3.87
CA ASP A 304 17.00 -12.88 4.68
C ASP A 304 16.12 -11.73 4.25
N TYR A 305 14.94 -12.07 3.73
CA TYR A 305 13.99 -11.09 3.25
C TYR A 305 12.84 -10.94 4.22
N ARG A 306 12.11 -9.83 4.13
CA ARG A 306 10.93 -9.61 4.95
C ARG A 306 9.94 -10.76 4.76
N THR A 307 9.26 -11.14 5.83
CA THR A 307 8.40 -12.31 5.79
C THR A 307 6.92 -11.93 5.71
N ASP A 308 6.66 -10.66 5.42
CA ASP A 308 5.28 -10.19 5.30
C ASP A 308 4.90 -9.98 3.84
N LYS A 309 5.89 -9.98 2.97
CA LYS A 309 5.66 -9.84 1.55
C LYS A 309 6.52 -10.82 0.76
N THR A 310 6.07 -11.15 -0.45
CA THR A 310 6.85 -12.00 -1.33
C THR A 310 6.56 -11.67 -2.79
N VAL A 311 7.54 -11.87 -3.65
CA VAL A 311 7.38 -11.57 -5.06
C VAL A 311 7.21 -12.84 -5.87
N ILE A 312 6.10 -12.94 -6.60
CA ILE A 312 5.92 -14.06 -7.50
C ILE A 312 5.79 -13.60 -8.94
N MET A 313 5.97 -14.53 -9.87
CA MET A 313 5.95 -14.23 -11.29
C MET A 313 5.36 -15.38 -12.08
N ARG A 314 4.19 -15.15 -12.67
CA ARG A 314 3.56 -16.14 -13.53
C ARG A 314 4.12 -16.01 -14.94
N GLU A 315 4.33 -17.14 -15.60
CA GLU A 315 4.96 -17.14 -16.92
C GLU A 315 4.02 -17.64 -18.01
N TYR A 316 3.81 -16.80 -19.03
CA TYR A 316 2.90 -17.12 -20.12
C TYR A 316 3.65 -17.22 -21.44
N SER A 317 3.28 -18.21 -22.26
CA SER A 317 3.98 -18.47 -23.51
C SER A 317 3.10 -18.24 -24.73
N ARG A 318 3.67 -17.63 -25.77
CA ARG A 318 2.97 -17.43 -27.03
C ARG A 318 3.93 -17.32 -28.20
N PHE A 319 3.40 -17.29 -29.42
CA PHE A 319 4.23 -17.15 -30.61
C PHE A 319 4.78 -15.74 -30.71
N ALA A 320 6.04 -15.63 -31.09
CA ALA A 320 6.68 -14.33 -31.25
C ALA A 320 6.21 -13.63 -32.51
N GLU A 321 5.65 -12.44 -32.35
CA GLU A 321 5.19 -11.65 -33.49
C GLU A 321 6.34 -10.83 -34.05
N ASP A 322 6.04 -9.98 -35.03
CA ASP A 322 7.05 -9.22 -35.77
C ASP A 322 8.05 -8.46 -34.90
N ASP A 323 7.56 -7.78 -33.87
CA ASP A 323 8.43 -6.93 -33.05
C ASP A 323 8.75 -7.57 -31.69
N ASP A 324 8.13 -8.70 -31.39
CA ASP A 324 8.38 -9.39 -30.12
C ASP A 324 9.83 -9.83 -30.01
N GLU A 325 10.33 -9.87 -28.78
CA GLU A 325 11.63 -10.46 -28.52
C GLU A 325 11.49 -11.97 -28.44
N PRO A 326 12.22 -12.69 -29.30
CA PRO A 326 12.15 -14.16 -29.34
C PRO A 326 12.92 -14.80 -28.21
N TYR A 327 12.33 -15.80 -27.56
CA TYR A 327 12.97 -16.48 -26.44
C TYR A 327 13.40 -17.89 -26.83
N TYR A 328 12.48 -18.65 -27.40
CA TYR A 328 12.77 -20.05 -27.73
C TYR A 328 12.68 -20.34 -29.23
N PRO A 329 13.70 -20.99 -29.79
CA PRO A 329 13.59 -21.52 -31.15
C PRO A 329 12.70 -22.77 -31.19
N ILE A 330 11.65 -22.75 -32.01
CA ILE A 330 10.76 -23.90 -32.09
C ILE A 330 11.44 -25.09 -32.79
N ASN A 331 12.13 -24.80 -33.89
CA ASN A 331 12.90 -25.82 -34.61
C ASN A 331 12.09 -27.00 -35.15
N THR A 332 10.97 -26.71 -35.81
CA THR A 332 10.26 -27.74 -36.57
C THR A 332 11.09 -28.09 -37.80
N GLU A 333 10.69 -29.13 -38.52
CA GLU A 333 11.40 -29.52 -39.74
C GLU A 333 11.47 -28.35 -40.72
N ALA A 334 10.35 -27.65 -40.87
CA ALA A 334 10.28 -26.47 -41.72
C ALA A 334 11.23 -25.37 -41.24
N ASP A 335 11.25 -25.16 -39.91
CA ASP A 335 12.15 -24.18 -39.31
C ASP A 335 13.61 -24.50 -39.59
N ARG A 336 13.96 -25.77 -39.43
CA ARG A 336 15.33 -26.20 -39.68
C ARG A 336 15.72 -26.00 -41.15
N ALA A 337 14.77 -26.26 -42.05
CA ALA A 337 14.98 -26.04 -43.47
C ALA A 337 15.29 -24.57 -43.72
N LEU A 338 14.50 -23.71 -43.11
CA LEU A 338 14.69 -22.27 -43.21
C LEU A 338 16.02 -21.84 -42.59
N LEU A 339 16.38 -22.49 -41.49
CA LEU A 339 17.64 -22.21 -40.79
C LEU A 339 18.84 -22.46 -41.69
N ALA A 340 18.78 -23.58 -42.43
CA ALA A 340 19.86 -23.97 -43.33
C ALA A 340 20.13 -22.91 -44.38
N THR A 341 19.08 -22.24 -44.84
CA THR A 341 19.24 -21.20 -45.85
C THR A 341 19.92 -19.98 -45.24
N TYR A 342 19.48 -19.60 -44.04
CA TYR A 342 20.07 -18.46 -43.35
C TYR A 342 21.52 -18.74 -42.96
N ARG A 343 21.79 -19.99 -42.60
CA ARG A 343 23.15 -20.39 -42.24
C ARG A 343 24.10 -20.17 -43.43
N ALA A 344 23.63 -20.51 -44.62
CA ALA A 344 24.41 -20.31 -45.83
C ALA A 344 24.61 -18.83 -46.10
N ARG A 345 23.57 -18.04 -45.84
CA ARG A 345 23.68 -16.59 -45.94
C ARG A 345 24.62 -16.05 -44.86
N ALA A 346 24.53 -16.63 -43.67
CA ALA A 346 25.43 -16.26 -42.58
C ALA A 346 26.87 -16.50 -42.99
N LYS A 347 27.12 -17.65 -43.61
CA LYS A 347 28.45 -17.99 -44.09
C LYS A 347 28.91 -17.02 -45.17
N SER A 348 27.95 -16.48 -45.93
CA SER A 348 28.24 -15.48 -46.95
C SER A 348 28.57 -14.13 -46.32
N GLU A 349 27.80 -13.75 -45.30
CA GLU A 349 28.08 -12.50 -44.59
C GLU A 349 29.44 -12.55 -43.90
N THR A 350 29.84 -13.73 -43.47
CA THR A 350 31.15 -13.89 -42.86
C THR A 350 32.23 -13.65 -43.92
N ALA A 351 32.01 -14.21 -45.10
CA ALA A 351 32.96 -14.09 -46.20
C ALA A 351 33.07 -12.67 -46.73
N SER A 352 31.93 -12.00 -46.86
CA SER A 352 31.91 -10.69 -47.53
C SER A 352 32.03 -9.49 -46.59
N SER A 353 31.52 -9.61 -45.37
CA SER A 353 31.47 -8.47 -44.47
C SER A 353 32.10 -8.73 -43.10
N LYS A 354 32.77 -9.88 -42.96
CA LYS A 354 33.35 -10.30 -41.69
C LYS A 354 32.30 -10.27 -40.56
N VAL A 355 31.12 -10.80 -40.84
CA VAL A 355 30.06 -10.85 -39.83
C VAL A 355 29.88 -12.27 -39.28
N LEU A 356 30.13 -12.42 -37.99
CA LEU A 356 29.95 -13.71 -37.32
C LEU A 356 28.57 -13.79 -36.68
N PHE A 357 28.10 -15.01 -36.46
CA PHE A 357 26.79 -15.21 -35.88
C PHE A 357 26.91 -16.18 -34.70
N GLY A 358 26.46 -15.72 -33.54
CA GLY A 358 26.57 -16.50 -32.32
C GLY A 358 25.40 -16.31 -31.39
N GLY A 359 25.26 -17.22 -30.44
CA GLY A 359 24.27 -17.07 -29.40
C GLY A 359 22.94 -17.74 -29.69
N ARG A 360 22.05 -17.65 -28.72
CA ARG A 360 20.71 -18.22 -28.81
C ARG A 360 19.98 -17.73 -30.06
N LEU A 361 19.94 -16.42 -30.24
CA LEU A 361 19.21 -15.82 -31.34
C LEU A 361 20.01 -15.85 -32.64
N GLY A 362 21.33 -15.66 -32.53
CA GLY A 362 22.19 -15.65 -33.70
C GLY A 362 22.29 -16.96 -34.44
N THR A 363 22.08 -18.07 -33.73
CA THR A 363 22.24 -19.38 -34.34
C THR A 363 20.96 -20.21 -34.28
N TYR A 364 19.88 -19.61 -33.76
CA TYR A 364 18.58 -20.27 -33.67
C TYR A 364 18.69 -21.59 -32.91
N GLN A 365 19.40 -21.55 -31.79
CA GLN A 365 19.59 -22.74 -30.97
C GLN A 365 19.09 -22.53 -29.55
N TYR A 366 18.57 -23.60 -28.98
CA TYR A 366 18.06 -23.62 -27.60
C TYR A 366 19.26 -23.68 -26.65
N LEU A 367 19.85 -22.52 -26.40
CA LEU A 367 21.11 -22.43 -25.64
C LEU A 367 20.93 -21.95 -24.19
N ASP A 368 21.38 -22.78 -23.25
CA ASP A 368 21.49 -22.37 -21.85
C ASP A 368 22.67 -21.43 -21.69
N MET A 369 22.72 -20.72 -20.57
CA MET A 369 23.77 -19.74 -20.31
C MET A 369 25.18 -20.32 -20.50
N HIS A 370 25.42 -21.48 -19.90
CA HIS A 370 26.75 -22.07 -19.96
C HIS A 370 27.11 -22.52 -21.37
N MET A 371 26.12 -23.01 -22.11
N MET A 371 26.14 -23.02 -22.12
CA MET A 371 26.32 -23.43 -23.48
CA MET A 371 26.39 -23.43 -23.49
C MET A 371 26.66 -22.24 -24.37
C MET A 371 26.71 -22.22 -24.36
N ALA A 372 26.04 -21.10 -24.07
CA ALA A 372 26.30 -19.86 -24.82
C ALA A 372 27.72 -19.35 -24.54
N ILE A 373 28.14 -19.42 -23.29
CA ILE A 373 29.47 -18.95 -22.92
C ILE A 373 30.54 -19.86 -23.51
N ALA A 374 30.30 -21.17 -23.45
CA ALA A 374 31.19 -22.14 -24.06
C ALA A 374 31.27 -21.92 -25.56
N SER A 375 30.12 -21.64 -26.16
CA SER A 375 30.05 -21.35 -27.59
C SER A 375 30.84 -20.10 -27.92
N ALA A 376 30.75 -19.11 -27.04
CA ALA A 376 31.47 -17.86 -27.20
C ALA A 376 32.98 -18.08 -27.10
N LEU A 377 33.39 -18.86 -26.11
CA LEU A 377 34.81 -19.18 -25.93
C LEU A 377 35.34 -19.96 -27.12
N ASN A 378 34.52 -20.86 -27.65
CA ASN A 378 34.87 -21.60 -28.85
C ASN A 378 35.09 -20.66 -30.04
N MET A 379 34.14 -19.77 -30.26
CA MET A 379 34.25 -18.79 -31.34
C MET A 379 35.48 -17.90 -31.14
N TYR A 380 35.78 -17.56 -29.89
CA TYR A 380 36.95 -16.74 -29.61
C TYR A 380 38.24 -17.49 -29.95
N ASP A 381 38.38 -18.70 -29.40
CA ASP A 381 39.59 -19.51 -29.56
C ASP A 381 39.91 -19.87 -31.01
N ASN A 382 38.87 -20.17 -31.78
CA ASN A 382 39.04 -20.82 -33.07
C ASN A 382 38.76 -19.92 -34.27
N VAL A 383 38.07 -18.80 -34.03
CA VAL A 383 37.71 -17.90 -35.13
C VAL A 383 38.20 -16.47 -34.92
N LEU A 384 37.75 -15.83 -33.85
CA LEU A 384 38.05 -14.42 -33.61
C LEU A 384 39.52 -14.14 -33.24
N ALA A 385 40.03 -14.84 -32.24
CA ALA A 385 41.42 -14.63 -31.81
C ALA A 385 42.44 -14.89 -32.92
N PRO A 386 42.29 -16.01 -33.67
CA PRO A 386 43.28 -16.18 -34.75
C PRO A 386 43.23 -15.04 -35.77
N HIS A 387 42.05 -14.47 -35.97
CA HIS A 387 41.87 -13.40 -36.95
C HIS A 387 42.49 -12.08 -36.49
N LEU A 388 42.04 -11.60 -35.33
CA LEU A 388 42.45 -10.30 -34.83
C LEU A 388 43.93 -10.26 -34.47
N ARG A 389 44.46 -11.40 -34.04
CA ARG A 389 45.83 -11.46 -33.54
C ARG A 389 46.82 -11.97 -34.58
N ASP A 390 46.37 -12.86 -35.46
CA ASP A 390 47.27 -13.51 -36.42
C ASP A 390 46.80 -13.42 -37.86
N GLY A 391 45.82 -12.56 -38.13
CA GLY A 391 45.39 -12.27 -39.49
C GLY A 391 44.60 -13.34 -40.23
N VAL A 392 44.40 -14.50 -39.61
CA VAL A 392 43.69 -15.61 -40.25
C VAL A 392 42.24 -15.23 -40.60
N PRO A 393 41.81 -15.54 -41.83
CA PRO A 393 40.43 -15.28 -42.27
C PRO A 393 39.38 -15.98 -41.39
N LEU A 394 38.13 -15.55 -41.50
CA LEU A 394 37.09 -15.96 -40.55
C LEU A 394 36.28 -17.19 -40.94
N LEU A 395 36.64 -17.85 -42.04
CA LEU A 395 35.89 -19.03 -42.49
C LEU A 395 36.70 -20.31 -42.32
N MET B 4 -1.25 -12.79 -40.03
CA MET B 4 -2.11 -11.81 -40.69
C MET B 4 -2.94 -11.04 -39.67
N THR B 5 -3.41 -11.73 -38.64
CA THR B 5 -4.33 -11.17 -37.64
C THR B 5 -3.80 -9.92 -36.95
N ALA B 6 -4.70 -9.23 -36.27
CA ALA B 6 -4.34 -8.03 -35.54
C ALA B 6 -3.40 -8.36 -34.38
N ARG B 7 -2.38 -7.52 -34.23
CA ARG B 7 -1.43 -7.64 -33.14
C ARG B 7 -2.14 -7.43 -31.80
N PHE B 8 -2.96 -6.39 -31.74
CA PHE B 8 -3.68 -6.04 -30.51
C PHE B 8 -5.17 -5.84 -30.76
N ASP B 9 -5.94 -5.94 -29.68
CA ASP B 9 -7.38 -5.73 -29.75
C ASP B 9 -7.75 -4.28 -29.44
N LEU B 10 -6.86 -3.58 -28.73
CA LEU B 10 -7.14 -2.22 -28.28
C LEU B 10 -5.87 -1.39 -28.13
N PHE B 11 -5.94 -0.13 -28.54
CA PHE B 11 -4.88 0.82 -28.27
C PHE B 11 -5.35 1.80 -27.20
N VAL B 12 -4.48 2.06 -26.23
CA VAL B 12 -4.79 3.02 -25.18
C VAL B 12 -3.67 4.03 -25.06
N VAL B 13 -4.03 5.30 -25.19
CA VAL B 13 -3.04 6.36 -25.13
C VAL B 13 -3.05 7.02 -23.76
N GLY B 14 -1.96 6.83 -23.02
CA GLY B 14 -1.84 7.35 -21.68
C GLY B 14 -2.00 6.27 -20.63
N SER B 15 -1.06 6.22 -19.69
CA SER B 15 -1.06 5.21 -18.65
C SER B 15 -1.51 5.79 -17.31
N GLY B 16 -2.41 6.78 -17.36
CA GLY B 16 -2.98 7.32 -16.15
C GLY B 16 -4.05 6.39 -15.62
N PHE B 17 -4.78 6.82 -14.59
CA PHE B 17 -5.80 5.97 -14.01
C PHE B 17 -6.90 5.61 -14.99
N PHE B 18 -7.27 6.55 -15.86
CA PHE B 18 -8.29 6.27 -16.84
C PHE B 18 -7.82 5.18 -17.79
N GLY B 19 -6.63 5.38 -18.36
CA GLY B 19 -6.08 4.46 -19.35
C GLY B 19 -5.89 3.05 -18.83
N LEU B 20 -5.24 2.93 -17.68
CA LEU B 20 -5.00 1.63 -17.07
C LEU B 20 -6.30 0.94 -16.67
N THR B 21 -7.27 1.71 -16.19
CA THR B 21 -8.56 1.14 -15.81
C THR B 21 -9.19 0.51 -17.05
N ILE B 22 -9.11 1.22 -18.16
CA ILE B 22 -9.59 0.70 -19.44
C ILE B 22 -8.79 -0.54 -19.85
N ALA B 23 -7.46 -0.42 -19.83
CA ALA B 23 -6.60 -1.52 -20.21
C ALA B 23 -6.84 -2.76 -19.36
N GLU B 24 -6.91 -2.57 -18.04
CA GLU B 24 -7.06 -3.69 -17.12
C GLU B 24 -8.40 -4.40 -17.31
N ARG B 25 -9.46 -3.61 -17.44
CA ARG B 25 -10.80 -4.17 -17.63
C ARG B 25 -10.90 -4.94 -18.95
N VAL B 26 -10.39 -4.36 -20.02
CA VAL B 26 -10.47 -4.98 -21.33
C VAL B 26 -9.65 -6.27 -21.37
N ALA B 27 -8.46 -6.22 -20.77
CA ALA B 27 -7.58 -7.38 -20.74
C ALA B 27 -8.13 -8.53 -19.91
N THR B 28 -8.48 -8.26 -18.65
CA THR B 28 -8.88 -9.32 -17.72
C THR B 28 -10.32 -9.80 -17.91
N GLN B 29 -11.22 -8.90 -18.27
CA GLN B 29 -12.63 -9.25 -18.37
C GLN B 29 -13.05 -9.72 -19.75
N LEU B 30 -12.29 -9.35 -20.77
CA LEU B 30 -12.64 -9.72 -22.13
C LEU B 30 -11.61 -10.64 -22.79
N ASP B 31 -10.49 -10.86 -22.10
CA ASP B 31 -9.40 -11.68 -22.60
C ASP B 31 -8.89 -11.13 -23.92
N LYS B 32 -8.59 -9.82 -23.92
CA LYS B 32 -8.11 -9.13 -25.12
C LYS B 32 -6.74 -8.52 -24.88
N ARG B 33 -5.99 -8.36 -25.97
CA ARG B 33 -4.64 -7.79 -25.88
C ARG B 33 -4.67 -6.27 -26.01
N VAL B 34 -4.03 -5.61 -25.07
CA VAL B 34 -4.05 -4.15 -25.00
C VAL B 34 -2.63 -3.59 -25.04
N LEU B 35 -2.40 -2.67 -25.97
CA LEU B 35 -1.14 -1.94 -26.00
C LEU B 35 -1.39 -0.56 -25.43
N VAL B 36 -0.74 -0.27 -24.31
CA VAL B 36 -0.86 1.05 -23.70
C VAL B 36 0.38 1.86 -24.05
N LEU B 37 0.18 3.04 -24.61
CA LEU B 37 1.30 3.87 -25.02
C LEU B 37 1.42 5.10 -24.15
N GLU B 38 2.59 5.24 -23.52
CA GLU B 38 2.86 6.33 -22.59
C GLU B 38 4.01 7.20 -23.08
N ARG B 39 3.73 8.49 -23.23
CA ARG B 39 4.71 9.45 -23.69
C ARG B 39 5.87 9.56 -22.68
N ARG B 40 5.52 9.49 -21.40
CA ARG B 40 6.45 9.69 -20.29
C ARG B 40 7.36 8.47 -20.03
N PRO B 41 8.46 8.67 -19.28
CA PRO B 41 9.36 7.57 -18.92
C PRO B 41 8.78 6.60 -17.88
N HIS B 42 7.63 6.94 -17.31
CA HIS B 42 7.03 6.13 -16.24
C HIS B 42 5.53 6.07 -16.44
N ILE B 43 4.89 5.04 -15.88
CA ILE B 43 3.45 4.94 -15.97
C ILE B 43 2.77 5.69 -14.84
N GLY B 44 1.45 5.77 -14.90
CA GLY B 44 0.67 6.30 -13.80
C GLY B 44 0.16 7.71 -13.98
N GLY B 45 0.56 8.33 -15.07
CA GLY B 45 0.19 9.71 -15.33
C GLY B 45 0.69 10.62 -14.22
N ASN B 46 -0.15 11.55 -13.80
CA ASN B 46 0.22 12.49 -12.75
C ASN B 46 0.19 11.86 -11.36
N ALA B 47 -0.28 10.62 -11.28
CA ALA B 47 -0.35 9.93 -10.01
C ALA B 47 0.97 9.24 -9.67
N TYR B 48 1.92 9.28 -10.58
CA TYR B 48 3.20 8.61 -10.37
C TYR B 48 3.92 9.16 -9.15
N SER B 49 4.36 8.26 -8.28
CA SER B 49 5.11 8.65 -7.09
C SER B 49 6.51 8.05 -7.14
N GLU B 50 7.40 8.57 -6.29
CA GLU B 50 8.79 8.14 -6.28
C GLU B 50 9.41 8.44 -4.92
N ALA B 51 10.17 7.49 -4.39
CA ALA B 51 10.80 7.68 -3.10
C ALA B 51 12.01 8.61 -3.23
N GLU B 52 12.05 9.62 -2.35
CA GLU B 52 13.20 10.50 -2.26
C GLU B 52 14.35 9.75 -1.59
N PRO B 53 15.53 9.70 -2.25
CA PRO B 53 16.68 8.88 -1.86
C PRO B 53 17.15 9.08 -0.42
N GLN B 54 17.33 10.34 0.01
CA GLN B 54 17.90 10.64 1.31
C GLN B 54 17.02 10.18 2.47
N THR B 55 15.71 10.32 2.31
CA THR B 55 14.77 10.07 3.40
C THR B 55 13.97 8.78 3.22
N GLY B 56 13.87 8.33 1.97
CA GLY B 56 13.04 7.18 1.66
C GLY B 56 11.57 7.55 1.53
N ILE B 57 11.26 8.82 1.78
CA ILE B 57 9.89 9.30 1.76
C ILE B 57 9.31 9.32 0.35
N GLU B 58 8.10 8.80 0.21
CA GLU B 58 7.42 8.78 -1.07
C GLU B 58 6.98 10.19 -1.46
N VAL B 59 7.40 10.65 -2.62
CA VAL B 59 7.03 11.96 -3.10
C VAL B 59 6.10 11.84 -4.29
N HIS B 60 4.95 12.50 -4.19
CA HIS B 60 4.00 12.54 -5.31
C HIS B 60 4.53 13.55 -6.33
N LYS B 61 5.11 13.04 -7.41
CA LYS B 61 5.87 13.85 -8.35
C LYS B 61 5.09 14.98 -9.02
N TYR B 62 3.80 14.75 -9.27
CA TYR B 62 2.98 15.75 -9.95
C TYR B 62 1.91 16.32 -9.03
N GLY B 63 2.32 16.63 -7.80
CA GLY B 63 1.39 17.20 -6.82
C GLY B 63 0.76 16.12 -5.98
N ALA B 64 0.40 16.47 -4.75
CA ALA B 64 -0.17 15.53 -3.80
C ALA B 64 -1.40 14.85 -4.37
N HIS B 65 -1.48 13.55 -4.19
CA HIS B 65 -2.64 12.78 -4.64
C HIS B 65 -3.28 12.06 -3.47
N LEU B 66 -4.49 12.47 -3.13
CA LEU B 66 -5.25 11.86 -2.05
C LEU B 66 -6.46 11.14 -2.65
N PHE B 67 -6.59 9.85 -2.38
CA PHE B 67 -7.72 9.10 -2.96
C PHE B 67 -8.93 9.10 -2.05
N HIS B 68 -10.09 9.30 -2.66
CA HIS B 68 -11.34 9.39 -1.92
C HIS B 68 -12.52 9.18 -2.86
N THR B 69 -13.52 8.44 -2.41
CA THR B 69 -14.72 8.21 -3.20
C THR B 69 -15.89 7.77 -2.32
N SER B 70 -17.10 8.06 -2.77
CA SER B 70 -18.30 7.54 -2.12
C SER B 70 -18.86 6.40 -2.94
N ASN B 71 -18.25 6.16 -4.10
CA ASN B 71 -18.64 5.07 -4.98
C ASN B 71 -18.03 3.76 -4.50
N LYS B 72 -18.87 2.87 -3.99
CA LYS B 72 -18.39 1.60 -3.44
C LYS B 72 -17.83 0.70 -4.54
N ARG B 73 -18.41 0.77 -5.73
CA ARG B 73 -17.91 -0.03 -6.85
C ARG B 73 -16.46 0.29 -7.14
N VAL B 74 -16.14 1.58 -7.21
CA VAL B 74 -14.79 2.06 -7.45
C VAL B 74 -13.86 1.68 -6.30
N TRP B 75 -14.37 1.80 -5.08
CA TRP B 75 -13.61 1.46 -3.88
C TRP B 75 -13.19 0.00 -3.89
N ASP B 76 -14.14 -0.88 -4.22
CA ASP B 76 -13.86 -2.31 -4.32
C ASP B 76 -12.93 -2.64 -5.47
N TYR B 77 -13.04 -1.87 -6.55
CA TYR B 77 -12.23 -2.11 -7.73
C TYR B 77 -10.76 -1.78 -7.46
N VAL B 78 -10.51 -0.59 -6.91
CA VAL B 78 -9.13 -0.15 -6.70
C VAL B 78 -8.42 -0.96 -5.61
N ARG B 79 -9.19 -1.58 -4.73
CA ARG B 79 -8.62 -2.38 -3.65
C ARG B 79 -8.18 -3.75 -4.15
N GLN B 80 -8.42 -4.03 -5.43
CA GLN B 80 -7.91 -5.24 -6.05
C GLN B 80 -6.43 -5.08 -6.36
N PHE B 81 -5.94 -3.85 -6.31
CA PHE B 81 -4.59 -3.55 -6.78
C PHE B 81 -3.73 -2.94 -5.69
N THR B 82 -4.35 -2.52 -4.60
CA THR B 82 -3.62 -1.90 -3.51
C THR B 82 -4.41 -1.96 -2.21
N ASP B 83 -3.71 -1.85 -1.09
CA ASP B 83 -4.38 -1.61 0.19
C ASP B 83 -4.35 -0.11 0.42
N PHE B 84 -5.20 0.36 1.33
CA PHE B 84 -5.22 1.77 1.67
C PHE B 84 -5.00 1.97 3.16
N THR B 85 -4.17 2.95 3.50
CA THR B 85 -4.01 3.36 4.89
C THR B 85 -5.27 4.04 5.37
N ASP B 86 -5.35 4.29 6.67
CA ASP B 86 -6.49 4.98 7.26
C ASP B 86 -6.23 6.48 7.35
N TYR B 87 -5.40 6.99 6.45
CA TYR B 87 -5.09 8.42 6.42
C TYR B 87 -6.33 9.21 6.03
N ARG B 88 -6.59 10.28 6.77
CA ARG B 88 -7.68 11.21 6.47
C ARG B 88 -7.08 12.56 6.14
N HIS B 89 -7.35 13.07 4.93
CA HIS B 89 -6.69 14.29 4.50
C HIS B 89 -7.26 15.54 5.17
N ARG B 90 -6.36 16.39 5.62
CA ARG B 90 -6.71 17.67 6.21
C ARG B 90 -5.76 18.74 5.70
N VAL B 91 -6.33 19.90 5.38
CA VAL B 91 -5.54 21.00 4.87
C VAL B 91 -5.60 22.16 5.86
N PHE B 92 -4.47 22.79 6.11
CA PHE B 92 -4.46 24.03 6.87
C PHE B 92 -4.17 25.19 5.92
N ALA B 93 -4.59 26.38 6.32
CA ALA B 93 -4.45 27.54 5.44
C ALA B 93 -3.69 28.66 6.13
N MET B 94 -2.67 29.18 5.44
CA MET B 94 -1.84 30.25 5.96
C MET B 94 -2.35 31.60 5.48
N HIS B 95 -2.67 32.48 6.43
CA HIS B 95 -3.19 33.81 6.12
C HIS B 95 -2.71 34.83 7.15
N ASN B 96 -1.94 35.81 6.68
CA ASN B 96 -1.42 36.88 7.54
C ASN B 96 -0.65 36.35 8.74
N GLY B 97 0.26 35.40 8.50
CA GLY B 97 1.13 34.91 9.55
C GLY B 97 0.47 33.95 10.52
N GLN B 98 -0.81 33.64 10.30
CA GLN B 98 -1.51 32.69 11.14
C GLN B 98 -1.99 31.49 10.32
N ALA B 99 -1.88 30.31 10.91
CA ALA B 99 -2.39 29.09 10.29
C ALA B 99 -3.83 28.84 10.76
N TYR B 100 -4.72 28.62 9.81
CA TYR B 100 -6.14 28.45 10.12
C TYR B 100 -6.61 27.03 9.85
N GLN B 101 -7.59 26.59 10.64
CA GLN B 101 -8.30 25.35 10.32
C GLN B 101 -9.07 25.58 9.03
N PHE B 102 -9.21 24.52 8.24
CA PHE B 102 -9.72 24.63 6.88
C PHE B 102 -10.33 23.29 6.50
N PRO B 103 -11.36 23.30 5.63
CA PRO B 103 -12.00 24.46 5.01
C PRO B 103 -13.06 25.12 5.89
N MET B 104 -14.14 25.57 5.26
CA MET B 104 -15.22 26.25 5.95
C MET B 104 -15.80 25.38 7.06
N GLY B 105 -15.70 25.89 8.30
CA GLY B 105 -16.17 25.16 9.47
C GLY B 105 -16.05 26.00 10.72
N LEU B 106 -16.47 25.45 11.85
CA LEU B 106 -16.44 26.19 13.11
C LEU B 106 -15.03 26.60 13.49
N GLY B 107 -14.06 25.75 13.17
CA GLY B 107 -12.66 26.04 13.44
C GLY B 107 -12.19 27.26 12.69
N LEU B 108 -12.45 27.29 11.40
CA LEU B 108 -12.09 28.42 10.55
C LEU B 108 -12.77 29.70 11.02
N VAL B 109 -14.08 29.59 11.24
CA VAL B 109 -14.89 30.73 11.67
C VAL B 109 -14.42 31.31 13.01
N SER B 110 -14.27 30.45 14.01
CA SER B 110 -13.88 30.91 15.34
C SER B 110 -12.51 31.58 15.35
N GLN B 111 -11.58 31.07 14.55
CA GLN B 111 -10.24 31.66 14.45
C GLN B 111 -10.26 33.01 13.74
N PHE B 112 -10.90 33.06 12.59
CA PHE B 112 -10.87 34.25 11.76
C PHE B 112 -11.69 35.40 12.35
N PHE B 113 -12.72 35.07 13.11
CA PHE B 113 -13.57 36.11 13.70
C PHE B 113 -13.29 36.32 15.19
N GLY B 114 -12.33 35.58 15.73
CA GLY B 114 -11.78 35.89 17.04
C GLY B 114 -12.52 35.38 18.28
N LYS B 115 -13.62 34.67 18.09
CA LYS B 115 -14.35 34.09 19.21
C LYS B 115 -15.09 32.83 18.77
N TYR B 116 -15.59 32.07 19.75
CA TYR B 116 -16.28 30.82 19.43
C TYR B 116 -17.73 31.05 18.96
N PHE B 117 -18.07 30.48 17.82
CA PHE B 117 -19.45 30.54 17.31
C PHE B 117 -20.11 29.17 17.41
N THR B 118 -21.33 29.12 17.94
CA THR B 118 -22.11 27.89 17.93
C THR B 118 -22.48 27.59 16.48
N PRO B 119 -22.76 26.32 16.16
CA PRO B 119 -23.24 25.98 14.81
C PRO B 119 -24.34 26.91 14.32
N GLU B 120 -25.29 27.23 15.20
CA GLU B 120 -26.39 28.11 14.85
C GLU B 120 -25.93 29.56 14.64
N GLN B 121 -25.04 30.02 15.51
CA GLN B 121 -24.49 31.37 15.41
C GLN B 121 -23.63 31.52 14.16
N ALA B 122 -22.91 30.45 13.82
CA ALA B 122 -22.06 30.44 12.63
C ALA B 122 -22.89 30.46 11.36
N ARG B 123 -23.99 29.71 11.35
CA ARG B 123 -24.89 29.71 10.20
C ARG B 123 -25.47 31.10 10.00
N GLN B 124 -25.79 31.76 11.11
CA GLN B 124 -26.36 33.10 11.06
C GLN B 124 -25.37 34.11 10.52
N LEU B 125 -24.13 34.05 11.00
CA LEU B 125 -23.10 34.99 10.58
C LEU B 125 -22.80 34.88 9.09
N ILE B 126 -22.61 33.64 8.62
CA ILE B 126 -22.28 33.39 7.22
C ILE B 126 -23.45 33.77 6.31
N ALA B 127 -24.66 33.55 6.79
CA ALA B 127 -25.87 33.91 6.05
C ALA B 127 -25.91 35.40 5.74
N GLU B 128 -25.50 36.21 6.72
CA GLU B 128 -25.47 37.65 6.56
C GLU B 128 -24.39 38.08 5.56
N GLN B 129 -23.24 37.44 5.67
CA GLN B 129 -22.10 37.77 4.83
C GLN B 129 -22.23 37.15 3.44
N ALA B 130 -23.23 36.31 3.25
CA ALA B 130 -23.50 35.70 1.95
C ALA B 130 -24.76 36.27 1.33
N ALA B 131 -25.21 37.41 1.86
CA ALA B 131 -26.50 37.99 1.47
C ALA B 131 -26.55 38.39 0.01
N GLU B 132 -25.45 38.92 -0.50
CA GLU B 132 -25.40 39.51 -1.85
C GLU B 132 -25.75 38.54 -2.97
N ILE B 133 -25.61 37.24 -2.71
CA ILE B 133 -25.88 36.24 -3.72
C ILE B 133 -26.27 34.91 -3.07
N ASP B 134 -27.24 34.22 -3.65
CA ASP B 134 -27.68 32.92 -3.13
C ASP B 134 -27.15 31.79 -4.02
N THR B 135 -26.81 30.66 -3.39
CA THR B 135 -26.14 29.54 -4.06
C THR B 135 -26.84 29.06 -5.33
N ALA B 136 -28.17 29.10 -5.33
CA ALA B 136 -28.94 28.66 -6.49
C ALA B 136 -28.77 29.62 -7.68
N ASP B 137 -28.39 30.85 -7.37
CA ASP B 137 -28.27 31.89 -8.40
C ASP B 137 -26.83 32.12 -8.85
N ALA B 138 -25.90 31.34 -8.33
CA ALA B 138 -24.49 31.56 -8.61
C ALA B 138 -24.04 30.91 -9.93
N GLN B 139 -23.29 31.68 -10.72
CA GLN B 139 -22.78 31.21 -12.00
C GLN B 139 -21.32 30.80 -11.87
N ASN B 140 -20.52 31.73 -11.34
CA ASN B 140 -19.08 31.58 -11.31
C ASN B 140 -18.52 31.23 -9.93
N LEU B 141 -17.22 31.00 -9.89
CA LEU B 141 -16.51 30.67 -8.66
C LEU B 141 -16.73 31.73 -7.58
N GLU B 142 -16.54 33.00 -7.94
CA GLU B 142 -16.66 34.09 -6.98
C GLU B 142 -18.03 34.13 -6.30
N GLU B 143 -19.09 34.15 -7.10
CA GLU B 143 -20.44 34.22 -6.57
C GLU B 143 -20.76 32.99 -5.71
N LYS B 144 -20.38 31.82 -6.19
CA LYS B 144 -20.64 30.58 -5.48
C LYS B 144 -19.90 30.52 -4.15
N ALA B 145 -18.64 30.95 -4.15
CA ALA B 145 -17.83 30.94 -2.95
C ALA B 145 -18.41 31.89 -1.91
N ILE B 146 -18.74 33.10 -2.33
CA ILE B 146 -19.33 34.10 -1.45
C ILE B 146 -20.65 33.59 -0.87
N SER B 147 -21.44 32.93 -1.70
CA SER B 147 -22.74 32.40 -1.27
C SER B 147 -22.62 31.21 -0.32
N LEU B 148 -21.42 30.68 -0.16
CA LEU B 148 -21.21 29.49 0.65
C LEU B 148 -20.48 29.80 1.95
N ILE B 149 -19.51 30.71 1.89
CA ILE B 149 -18.67 30.99 3.05
C ILE B 149 -18.71 32.46 3.45
N GLY B 150 -19.36 33.29 2.64
CA GLY B 150 -19.47 34.71 2.92
C GLY B 150 -18.32 35.49 2.30
N ARG B 151 -18.49 36.79 2.13
CA ARG B 151 -17.48 37.60 1.47
C ARG B 151 -16.18 37.81 2.26
N PRO B 152 -16.27 38.04 3.58
CA PRO B 152 -14.98 38.19 4.30
C PRO B 152 -14.08 36.97 4.20
N LEU B 153 -14.66 35.77 4.31
CA LEU B 153 -13.88 34.54 4.20
C LEU B 153 -13.46 34.30 2.75
N TYR B 154 -14.31 34.73 1.82
CA TYR B 154 -14.00 34.61 0.40
C TYR B 154 -12.75 35.41 0.04
N GLU B 155 -12.70 36.66 0.50
CA GLU B 155 -11.58 37.54 0.18
C GLU B 155 -10.32 37.12 0.91
N ALA B 156 -10.48 36.54 2.09
CA ALA B 156 -9.34 36.13 2.89
C ALA B 156 -8.72 34.83 2.41
N PHE B 157 -9.54 33.86 2.03
CA PHE B 157 -9.04 32.52 1.77
C PHE B 157 -9.26 31.99 0.35
N VAL B 158 -10.06 32.68 -0.45
CA VAL B 158 -10.36 32.19 -1.79
C VAL B 158 -9.77 33.07 -2.90
N LYS B 159 -9.95 34.38 -2.78
CA LYS B 159 -9.54 35.31 -3.84
C LYS B 159 -8.05 35.25 -4.14
N GLY B 160 -7.22 35.36 -3.11
CA GLY B 160 -5.78 35.29 -3.27
C GLY B 160 -5.33 33.96 -3.85
N TYR B 161 -5.80 32.87 -3.24
CA TYR B 161 -5.44 31.53 -3.70
C TYR B 161 -5.85 31.33 -5.16
N THR B 162 -7.12 31.62 -5.45
CA THR B 162 -7.66 31.45 -6.78
C THR B 162 -6.91 32.29 -7.80
N ALA B 163 -6.46 33.47 -7.38
CA ALA B 163 -5.63 34.34 -8.21
C ALA B 163 -4.36 33.64 -8.65
N LYS B 164 -3.68 33.02 -7.69
CA LYS B 164 -2.41 32.37 -7.97
C LYS B 164 -2.59 31.09 -8.77
N GLN B 165 -3.66 30.37 -8.47
CA GLN B 165 -3.91 29.07 -9.07
C GLN B 165 -4.42 29.15 -10.51
N TRP B 166 -5.18 30.21 -10.81
CA TRP B 166 -5.84 30.31 -12.10
C TRP B 166 -5.40 31.52 -12.91
N GLN B 167 -5.06 32.61 -12.22
CA GLN B 167 -4.76 33.89 -12.88
C GLN B 167 -5.85 34.24 -13.88
N THR B 168 -7.08 34.03 -13.44
CA THR B 168 -8.27 34.26 -14.26
C THR B 168 -9.34 34.86 -13.37
N ASP B 169 -10.06 35.85 -13.89
CA ASP B 169 -11.14 36.50 -13.16
C ASP B 169 -12.06 35.47 -12.53
N PRO B 170 -12.21 35.51 -11.20
CA PRO B 170 -13.06 34.59 -10.43
C PRO B 170 -14.50 34.56 -10.94
N LYS B 171 -14.89 35.61 -11.66
CA LYS B 171 -16.21 35.68 -12.27
C LYS B 171 -16.26 34.89 -13.58
N GLU B 172 -15.09 34.48 -14.05
CA GLU B 172 -14.98 33.74 -15.32
C GLU B 172 -14.71 32.26 -15.09
N LEU B 173 -14.51 31.88 -13.83
CA LEU B 173 -14.21 30.50 -13.48
C LEU B 173 -15.48 29.77 -13.05
N PRO B 174 -15.55 28.46 -13.32
CA PRO B 174 -16.71 27.63 -12.97
C PRO B 174 -16.99 27.60 -11.47
N ALA B 175 -18.26 27.55 -11.08
CA ALA B 175 -18.64 27.44 -9.69
C ALA B 175 -18.29 26.06 -9.13
N ALA B 176 -18.19 25.09 -10.03
CA ALA B 176 -17.87 23.72 -9.67
C ALA B 176 -16.51 23.63 -8.98
N ASN B 177 -15.64 24.59 -9.28
CA ASN B 177 -14.30 24.62 -8.69
C ASN B 177 -14.30 24.75 -7.18
N ILE B 178 -15.08 25.70 -6.66
CA ILE B 178 -15.07 25.97 -5.24
C ILE B 178 -15.95 24.98 -4.48
N THR B 179 -16.90 24.37 -5.18
CA THR B 179 -17.80 23.42 -4.52
C THR B 179 -17.14 22.06 -4.34
N ARG B 180 -15.88 21.95 -4.76
CA ARG B 180 -15.06 20.77 -4.46
C ARG B 180 -14.77 20.71 -2.97
N LEU B 181 -14.75 21.88 -2.33
CA LEU B 181 -14.48 21.96 -0.90
C LEU B 181 -15.76 21.84 -0.11
N PRO B 182 -15.74 20.98 0.92
CA PRO B 182 -16.91 20.85 1.81
C PRO B 182 -17.18 22.14 2.58
N VAL B 183 -18.46 22.43 2.79
CA VAL B 183 -18.86 23.57 3.59
C VAL B 183 -19.59 23.06 4.81
N ARG B 184 -19.01 23.28 5.98
CA ARG B 184 -19.54 22.69 7.21
C ARG B 184 -19.74 23.72 8.31
N TYR B 185 -20.59 23.37 9.27
CA TYR B 185 -20.79 24.19 10.46
C TYR B 185 -20.54 23.33 11.68
N THR B 186 -19.53 22.49 11.56
CA THR B 186 -19.00 21.68 12.66
C THR B 186 -17.51 21.94 12.79
N PHE B 187 -16.84 21.15 13.64
CA PHE B 187 -15.40 21.28 13.79
C PHE B 187 -14.65 20.25 12.94
N ASP B 188 -15.41 19.45 12.18
CA ASP B 188 -14.84 18.49 11.24
C ASP B 188 -14.06 19.23 10.15
N ASN B 189 -12.74 19.06 10.15
CA ASN B 189 -11.91 19.72 9.15
C ASN B 189 -11.32 18.73 8.14
N ARG B 190 -12.05 17.66 7.86
CA ARG B 190 -11.65 16.75 6.81
C ARG B 190 -11.83 17.45 5.46
N TYR B 191 -10.79 17.40 4.63
CA TYR B 191 -10.81 18.16 3.39
C TYR B 191 -11.70 17.51 2.35
N PHE B 192 -12.07 16.26 2.57
CA PHE B 192 -13.01 15.57 1.68
C PHE B 192 -14.21 15.07 2.47
N SER B 193 -15.30 14.78 1.77
CA SER B 193 -16.53 14.36 2.44
C SER B 193 -17.05 13.04 1.89
N ASP B 194 -16.17 12.28 1.24
CA ASP B 194 -16.58 10.99 0.69
C ASP B 194 -16.54 9.89 1.76
N THR B 195 -17.25 8.80 1.48
CA THR B 195 -17.35 7.67 2.39
C THR B 195 -16.01 7.01 2.64
N TYR B 196 -15.29 6.72 1.56
CA TYR B 196 -14.03 5.99 1.63
C TYR B 196 -12.86 6.89 1.28
N GLU B 197 -11.75 6.73 2.00
CA GLU B 197 -10.57 7.57 1.80
C GLU B 197 -9.31 6.89 2.33
N GLY B 198 -8.18 7.19 1.69
CA GLY B 198 -6.91 6.69 2.17
C GLY B 198 -5.80 6.84 1.15
N LEU B 199 -4.58 6.59 1.60
CA LEU B 199 -3.42 6.58 0.71
C LEU B 199 -3.03 5.14 0.44
N PRO B 200 -2.52 4.87 -0.77
CA PRO B 200 -2.06 3.51 -1.10
C PRO B 200 -0.93 3.09 -0.17
N THR B 201 -1.12 1.95 0.51
CA THR B 201 -0.19 1.52 1.55
C THR B 201 1.24 1.43 1.04
N ASP B 202 1.40 0.90 -0.16
CA ASP B 202 2.72 0.69 -0.73
C ASP B 202 3.04 1.72 -1.82
N GLY B 203 2.30 2.83 -1.81
CA GLY B 203 2.56 3.91 -2.73
C GLY B 203 1.75 3.83 -4.02
N TYR B 204 1.75 4.91 -4.78
CA TYR B 204 0.97 4.97 -6.00
C TYR B 204 1.55 4.12 -7.12
N THR B 205 2.87 4.10 -7.25
CA THR B 205 3.49 3.39 -8.37
C THR B 205 3.20 1.90 -8.31
N ALA B 206 3.26 1.32 -7.11
CA ALA B 206 2.94 -0.09 -6.93
C ALA B 206 1.50 -0.39 -7.36
N TRP B 207 0.58 0.44 -6.88
CA TRP B 207 -0.82 0.39 -7.25
C TRP B 207 -0.98 0.44 -8.77
N LEU B 208 -0.31 1.40 -9.40
CA LEU B 208 -0.41 1.56 -10.84
C LEU B 208 0.19 0.38 -11.61
N GLN B 209 1.33 -0.11 -11.15
CA GLN B 209 1.99 -1.24 -11.80
C GLN B 209 1.15 -2.51 -11.67
N ASN B 210 0.41 -2.63 -10.57
CA ASN B 210 -0.49 -3.76 -10.39
C ASN B 210 -1.66 -3.73 -11.35
N MET B 211 -2.04 -2.54 -11.79
CA MET B 211 -3.14 -2.42 -12.71
C MET B 211 -2.73 -2.78 -14.12
N ALA B 212 -1.47 -2.50 -14.45
CA ALA B 212 -0.93 -2.82 -15.77
C ALA B 212 -0.15 -4.14 -15.79
N ALA B 213 -0.28 -4.93 -14.72
CA ALA B 213 0.55 -6.12 -14.55
C ALA B 213 0.15 -7.27 -15.45
N ASP B 214 -1.12 -7.34 -15.83
CA ASP B 214 -1.65 -8.44 -16.64
C ASP B 214 -0.81 -8.66 -17.88
N HIS B 215 -0.61 -9.93 -18.24
CA HIS B 215 0.31 -10.29 -19.31
C HIS B 215 -0.21 -9.89 -20.69
N ARG B 216 -1.51 -9.68 -20.79
CA ARG B 216 -2.14 -9.26 -22.05
C ARG B 216 -2.07 -7.75 -22.21
N ILE B 217 -1.51 -7.07 -21.21
CA ILE B 217 -1.29 -5.63 -21.25
C ILE B 217 0.17 -5.30 -21.47
N GLU B 218 0.48 -4.64 -22.57
CA GLU B 218 1.84 -4.17 -22.79
C GLU B 218 1.88 -2.66 -22.72
N VAL B 219 2.77 -2.15 -21.87
CA VAL B 219 2.94 -0.71 -21.77
C VAL B 219 4.26 -0.32 -22.42
N ARG B 220 4.20 0.61 -23.35
CA ARG B 220 5.40 1.12 -23.97
C ARG B 220 5.64 2.54 -23.48
N LEU B 221 6.73 2.71 -22.73
CA LEU B 221 7.09 4.00 -22.21
C LEU B 221 7.90 4.79 -23.24
N ASN B 222 7.97 6.10 -23.03
CA ASN B 222 8.69 7.00 -23.93
C ASN B 222 8.20 6.83 -25.36
N THR B 223 6.88 6.75 -25.51
CA THR B 223 6.27 6.55 -26.81
C THR B 223 5.08 7.49 -27.01
N ASP B 224 5.25 8.48 -27.88
CA ASP B 224 4.16 9.38 -28.22
C ASP B 224 3.28 8.73 -29.27
N TRP B 225 1.99 8.66 -29.00
CA TRP B 225 1.02 8.02 -29.89
C TRP B 225 1.07 8.57 -31.30
N PHE B 226 1.39 9.86 -31.43
CA PHE B 226 1.42 10.51 -32.73
C PHE B 226 2.72 10.23 -33.49
N ASP B 227 3.61 9.46 -32.86
CA ASP B 227 4.86 9.04 -33.49
C ASP B 227 4.78 7.61 -34.03
N VAL B 228 3.76 6.87 -33.59
CA VAL B 228 3.72 5.44 -33.90
C VAL B 228 2.37 4.97 -34.43
N ARG B 229 1.36 5.81 -34.36
CA ARG B 229 0.00 5.38 -34.70
C ARG B 229 -0.10 4.96 -36.18
N GLY B 230 0.68 5.60 -37.03
CA GLY B 230 0.72 5.24 -38.43
C GLY B 230 1.35 3.87 -38.65
N GLN B 231 2.10 3.41 -37.65
CA GLN B 231 2.75 2.11 -37.73
C GLN B 231 1.91 1.03 -37.06
N LEU B 232 1.26 1.40 -35.96
CA LEU B 232 0.60 0.43 -35.12
C LEU B 232 -0.78 0.06 -35.61
N ARG B 233 -1.58 1.06 -35.97
CA ARG B 233 -2.96 0.82 -36.37
C ARG B 233 -3.12 -0.09 -37.60
N PRO B 234 -2.27 0.06 -38.64
CA PRO B 234 -2.37 -0.90 -39.75
C PRO B 234 -2.18 -2.36 -39.32
N GLY B 235 -1.36 -2.59 -38.30
CA GLY B 235 -1.15 -3.92 -37.76
C GLY B 235 -2.37 -4.44 -37.03
N SER B 236 -3.17 -3.52 -36.48
CA SER B 236 -4.43 -3.88 -35.82
C SER B 236 -5.55 -2.94 -36.25
N PRO B 237 -6.03 -3.10 -37.49
CA PRO B 237 -6.97 -2.16 -38.12
C PRO B 237 -8.30 -2.04 -37.39
N ALA B 238 -8.81 -3.15 -36.85
CA ALA B 238 -10.11 -3.14 -36.19
C ALA B 238 -10.02 -2.57 -34.78
N ALA B 239 -8.81 -2.44 -34.27
CA ALA B 239 -8.59 -2.06 -32.88
C ALA B 239 -8.98 -0.62 -32.57
N PRO B 240 -9.93 -0.43 -31.65
CA PRO B 240 -10.29 0.91 -31.19
C PRO B 240 -9.12 1.62 -30.55
N VAL B 241 -9.24 2.93 -30.40
CA VAL B 241 -8.21 3.72 -29.73
C VAL B 241 -8.84 4.55 -28.62
N VAL B 242 -8.39 4.32 -27.39
CA VAL B 242 -8.82 5.13 -26.26
C VAL B 242 -7.75 6.16 -25.96
N TYR B 243 -8.02 7.41 -26.33
CA TYR B 243 -7.06 8.49 -26.17
C TYR B 243 -7.35 9.31 -24.92
N THR B 244 -6.34 9.50 -24.08
CA THR B 244 -6.51 10.25 -22.84
C THR B 244 -5.54 11.43 -22.73
N GLY B 245 -4.90 11.77 -23.84
CA GLY B 245 -4.06 12.95 -23.88
C GLY B 245 -4.96 14.16 -24.10
N PRO B 246 -4.35 15.35 -24.18
CA PRO B 246 -5.08 16.61 -24.40
C PRO B 246 -5.97 16.56 -25.66
N LEU B 247 -7.23 16.94 -25.47
CA LEU B 247 -8.22 16.92 -26.55
C LEU B 247 -7.85 17.86 -27.71
N ASP B 248 -7.44 19.07 -27.39
CA ASP B 248 -7.10 20.04 -28.43
C ASP B 248 -5.86 19.60 -29.20
N ARG B 249 -4.88 19.08 -28.47
CA ARG B 249 -3.63 18.62 -29.08
C ARG B 249 -3.87 17.48 -30.07
N TYR B 250 -4.90 16.67 -29.81
CA TYR B 250 -5.20 15.55 -30.68
C TYR B 250 -5.48 16.05 -32.10
N PHE B 251 -6.19 17.16 -32.21
CA PHE B 251 -6.53 17.74 -33.50
C PHE B 251 -5.61 18.90 -33.86
N ASP B 252 -4.37 18.85 -33.38
CA ASP B 252 -3.34 19.83 -33.72
C ASP B 252 -3.75 21.27 -33.44
N TYR B 253 -4.61 21.47 -32.44
CA TYR B 253 -5.10 22.79 -32.07
C TYR B 253 -5.74 23.53 -33.25
N ALA B 254 -6.34 22.76 -34.16
CA ALA B 254 -6.89 23.32 -35.39
C ALA B 254 -8.01 24.33 -35.14
N GLU B 255 -8.77 24.11 -34.07
CA GLU B 255 -9.87 25.01 -33.73
C GLU B 255 -9.44 26.04 -32.69
N GLY B 256 -8.19 25.96 -32.25
CA GLY B 256 -7.68 26.89 -31.25
C GLY B 256 -7.15 26.19 -30.02
N ARG B 257 -6.66 26.98 -29.07
CA ARG B 257 -6.06 26.43 -27.86
C ARG B 257 -6.95 26.58 -26.63
N LEU B 258 -7.28 25.46 -26.02
CA LEU B 258 -8.03 25.45 -24.77
C LEU B 258 -7.18 26.05 -23.65
N GLY B 259 -7.83 26.71 -22.71
CA GLY B 259 -7.14 27.24 -21.56
C GLY B 259 -6.79 26.13 -20.59
N TRP B 260 -5.50 26.00 -20.28
CA TRP B 260 -5.06 25.06 -19.26
C TRP B 260 -4.14 25.75 -18.26
N ARG B 261 -4.12 25.23 -17.04
CA ARG B 261 -3.11 25.60 -16.07
C ARG B 261 -2.12 24.46 -15.94
N THR B 262 -0.85 24.79 -15.73
CA THR B 262 0.16 23.77 -15.50
C THR B 262 0.81 24.05 -14.15
N LEU B 263 1.61 23.11 -13.67
CA LEU B 263 2.24 23.29 -12.36
C LEU B 263 3.73 23.07 -12.42
N ASP B 264 4.45 23.88 -11.64
CA ASP B 264 5.87 23.69 -11.45
C ASP B 264 6.12 23.40 -9.98
N PHE B 265 7.06 22.50 -9.70
CA PHE B 265 7.29 22.09 -8.32
C PHE B 265 8.73 22.35 -7.90
N GLU B 266 8.89 22.76 -6.65
CA GLU B 266 10.21 22.86 -6.05
C GLU B 266 10.34 21.86 -4.92
N VAL B 267 10.97 20.72 -5.22
CA VAL B 267 11.21 19.71 -4.20
C VAL B 267 12.51 20.02 -3.47
N GLU B 268 12.44 20.04 -2.14
CA GLU B 268 13.59 20.37 -1.32
C GLU B 268 13.67 19.48 -0.08
N VAL B 269 14.84 18.90 0.16
CA VAL B 269 15.08 18.11 1.38
C VAL B 269 15.72 18.99 2.43
N LEU B 270 14.99 19.25 3.52
CA LEU B 270 15.49 20.11 4.59
C LEU B 270 16.16 19.30 5.69
N PRO B 271 17.20 19.87 6.32
CA PRO B 271 17.94 19.21 7.40
C PRO B 271 17.22 19.30 8.75
N ILE B 272 15.89 19.40 8.73
CA ILE B 272 15.10 19.33 9.93
C ILE B 272 14.11 18.19 9.84
N GLY B 273 13.63 17.71 10.97
CA GLY B 273 12.68 16.60 10.97
C GLY B 273 11.29 16.99 10.51
N ASP B 274 10.88 18.22 10.82
CA ASP B 274 9.52 18.64 10.52
C ASP B 274 9.47 20.11 10.10
N PHE B 275 8.89 20.37 8.93
CA PHE B 275 8.87 21.72 8.38
C PHE B 275 7.62 22.51 8.77
N GLN B 276 6.45 21.87 8.65
CA GLN B 276 5.19 22.58 8.89
C GLN B 276 4.20 21.78 9.74
N GLY B 277 4.59 20.59 10.15
CA GLY B 277 3.78 19.79 11.07
C GLY B 277 2.46 19.28 10.52
N THR B 278 2.32 19.30 9.20
CA THR B 278 1.11 18.78 8.56
C THR B 278 1.39 18.50 7.09
N ALA B 279 0.55 17.69 6.47
CA ALA B 279 0.82 17.21 5.12
C ALA B 279 0.78 18.34 4.08
N VAL B 280 -0.27 19.14 4.11
CA VAL B 280 -0.42 20.21 3.13
C VAL B 280 -0.78 21.54 3.79
N MET B 281 -0.01 22.56 3.48
CA MET B 281 -0.30 23.91 3.97
C MET B 281 -0.62 24.85 2.81
N ASN B 282 -1.87 25.28 2.74
CA ASN B 282 -2.26 26.25 1.73
C ASN B 282 -1.72 27.64 2.05
N TYR B 283 -1.25 28.34 1.04
CA TYR B 283 -0.81 29.72 1.21
C TYR B 283 -1.74 30.64 0.44
N ASN B 284 -2.62 31.31 1.17
CA ASN B 284 -3.71 32.05 0.56
C ASN B 284 -3.36 33.50 0.27
N ASP B 285 -2.26 33.99 0.83
CA ASP B 285 -1.86 35.38 0.62
C ASP B 285 -1.06 35.57 -0.67
N LEU B 286 -1.15 36.77 -1.24
CA LEU B 286 -0.50 37.06 -2.51
C LEU B 286 0.99 37.39 -2.36
N ASP B 287 1.44 37.60 -1.12
CA ASP B 287 2.81 37.99 -0.88
C ASP B 287 3.76 36.79 -0.98
N VAL B 288 3.22 35.67 -1.43
CA VAL B 288 3.99 34.45 -1.62
C VAL B 288 3.60 33.79 -2.94
N PRO B 289 4.60 33.40 -3.74
CA PRO B 289 4.35 32.94 -5.11
C PRO B 289 3.71 31.57 -5.23
N TYR B 290 3.90 30.70 -4.25
CA TYR B 290 3.39 29.34 -4.35
C TYR B 290 1.98 29.21 -3.75
N THR B 291 1.19 28.28 -4.29
CA THR B 291 -0.18 28.10 -3.82
C THR B 291 -0.22 27.34 -2.51
N ARG B 292 0.66 26.35 -2.36
CA ARG B 292 0.70 25.53 -1.17
C ARG B 292 2.03 24.80 -1.03
N ILE B 293 2.25 24.23 0.15
CA ILE B 293 3.44 23.42 0.40
C ILE B 293 3.05 22.04 0.89
N HIS B 294 3.60 21.01 0.25
CA HIS B 294 3.40 19.64 0.69
C HIS B 294 4.57 19.18 1.54
N GLU B 295 4.30 18.51 2.65
CA GLU B 295 5.34 17.81 3.39
C GLU B 295 4.96 16.34 3.45
N PHE B 296 5.65 15.53 2.66
CA PHE B 296 5.18 14.18 2.37
C PHE B 296 5.33 13.18 3.52
N ARG B 297 6.09 13.53 4.54
CA ARG B 297 6.26 12.62 5.66
C ARG B 297 4.95 12.47 6.42
N HIS B 298 4.13 13.51 6.41
CA HIS B 298 2.88 13.49 7.17
C HIS B 298 1.77 12.74 6.44
N PHE B 299 2.04 12.38 5.19
CA PHE B 299 1.12 11.56 4.40
C PHE B 299 1.08 10.12 4.91
N HIS B 300 2.21 9.65 5.44
CA HIS B 300 2.28 8.30 5.98
C HIS B 300 2.87 8.29 7.38
N PRO B 301 2.06 8.65 8.39
CA PRO B 301 2.52 8.63 9.78
C PRO B 301 2.83 7.20 10.26
N GLU B 302 2.21 6.21 9.63
CA GLU B 302 2.38 4.82 10.02
C GLU B 302 3.76 4.30 9.62
N ARG B 303 4.34 4.89 8.59
CA ARG B 303 5.73 4.62 8.25
C ARG B 303 6.62 5.48 9.13
N ASP B 304 7.74 4.93 9.57
CA ASP B 304 8.67 5.70 10.39
C ASP B 304 9.86 6.17 9.56
N TYR B 305 9.98 7.48 9.42
CA TYR B 305 11.04 8.09 8.65
C TYR B 305 12.05 8.75 9.58
N ARG B 306 13.26 8.97 9.07
CA ARG B 306 14.29 9.66 9.83
C ARG B 306 13.77 11.03 10.26
N THR B 307 14.12 11.44 11.48
CA THR B 307 13.59 12.69 12.02
C THR B 307 14.64 13.79 12.01
N ASP B 308 15.66 13.62 11.17
CA ASP B 308 16.69 14.66 11.01
C ASP B 308 16.58 15.31 9.64
N LYS B 309 15.75 14.73 8.78
CA LYS B 309 15.51 15.28 7.45
C LYS B 309 14.03 15.22 7.10
N THR B 310 13.60 16.07 6.18
CA THR B 310 12.22 16.04 5.69
C THR B 310 12.13 16.56 4.26
N VAL B 311 11.16 16.05 3.51
CA VAL B 311 10.97 16.47 2.13
C VAL B 311 9.75 17.36 1.99
N ILE B 312 9.95 18.58 1.49
CA ILE B 312 8.83 19.46 1.22
C ILE B 312 8.76 19.78 -0.27
N MET B 313 7.60 20.24 -0.71
CA MET B 313 7.39 20.56 -2.10
C MET B 313 6.52 21.79 -2.24
N ARG B 314 7.09 22.85 -2.80
CA ARG B 314 6.36 24.07 -3.07
C ARG B 314 5.71 23.99 -4.45
N GLU B 315 4.46 24.40 -4.54
CA GLU B 315 3.68 24.26 -5.76
C GLU B 315 3.39 25.62 -6.40
N TYR B 316 3.79 25.78 -7.66
CA TYR B 316 3.59 27.02 -8.38
C TYR B 316 2.68 26.81 -9.58
N SER B 317 1.82 27.78 -9.85
CA SER B 317 0.82 27.64 -10.91
C SER B 317 0.96 28.71 -11.99
N ARG B 318 0.84 28.27 -13.24
CA ARG B 318 0.92 29.18 -14.39
C ARG B 318 0.14 28.60 -15.56
N PHE B 319 0.01 29.39 -16.63
CA PHE B 319 -0.68 28.93 -17.83
C PHE B 319 0.16 27.90 -18.57
N ALA B 320 -0.52 26.88 -19.12
CA ALA B 320 0.15 25.87 -19.91
C ALA B 320 0.51 26.42 -21.29
N GLU B 321 1.81 26.50 -21.58
CA GLU B 321 2.26 26.92 -22.90
C GLU B 321 2.30 25.72 -23.85
N ASP B 322 2.76 25.95 -25.08
CA ASP B 322 2.66 24.98 -26.17
C ASP B 322 3.06 23.55 -25.82
N ASP B 323 4.25 23.37 -25.26
CA ASP B 323 4.74 22.02 -24.97
C ASP B 323 4.56 21.60 -23.52
N ASP B 324 4.05 22.51 -22.69
CA ASP B 324 3.81 22.20 -21.29
C ASP B 324 2.79 21.08 -21.15
N GLU B 325 2.92 20.30 -20.08
CA GLU B 325 1.90 19.32 -19.76
C GLU B 325 0.77 20.04 -19.04
N PRO B 326 -0.45 19.93 -19.57
CA PRO B 326 -1.61 20.56 -18.96
C PRO B 326 -2.11 19.80 -17.73
N TYR B 327 -2.40 20.53 -16.66
CA TYR B 327 -2.85 19.91 -15.41
C TYR B 327 -4.33 20.18 -15.18
N TYR B 328 -4.74 21.44 -15.28
CA TYR B 328 -6.11 21.84 -15.01
C TYR B 328 -6.79 22.47 -16.22
N PRO B 329 -8.03 22.06 -16.51
CA PRO B 329 -8.86 22.79 -17.48
C PRO B 329 -9.41 24.06 -16.86
N ILE B 330 -9.15 25.21 -17.45
CA ILE B 330 -9.65 26.45 -16.88
C ILE B 330 -11.16 26.53 -17.05
N ASN B 331 -11.65 26.11 -18.20
CA ASN B 331 -13.09 26.05 -18.50
C ASN B 331 -13.81 27.39 -18.42
N THR B 332 -13.24 28.44 -19.00
CA THR B 332 -13.96 29.71 -19.13
C THR B 332 -15.07 29.55 -20.16
N GLU B 333 -15.88 30.57 -20.32
CA GLU B 333 -17.00 30.52 -21.27
C GLU B 333 -16.48 30.28 -22.68
N ALA B 334 -15.36 30.92 -23.01
CA ALA B 334 -14.74 30.74 -24.32
C ALA B 334 -14.16 29.34 -24.47
N ASP B 335 -13.56 28.82 -23.39
CA ASP B 335 -13.05 27.46 -23.37
C ASP B 335 -14.16 26.44 -23.65
N ARG B 336 -15.29 26.58 -22.97
CA ARG B 336 -16.40 25.66 -23.15
C ARG B 336 -16.96 25.70 -24.56
N ALA B 337 -16.93 26.87 -25.19
CA ALA B 337 -17.32 26.99 -26.60
C ALA B 337 -16.35 26.19 -27.47
N LEU B 338 -15.06 26.38 -27.24
CA LEU B 338 -14.03 25.65 -27.96
C LEU B 338 -14.15 24.15 -27.72
N LEU B 339 -14.41 23.77 -26.47
CA LEU B 339 -14.58 22.36 -26.10
C LEU B 339 -15.70 21.70 -26.89
N ALA B 340 -16.80 22.44 -27.08
CA ALA B 340 -17.96 21.92 -27.79
C ALA B 340 -17.61 21.58 -29.23
N THR B 341 -16.72 22.38 -29.82
CA THR B 341 -16.25 22.13 -31.18
C THR B 341 -15.46 20.82 -31.21
N TYR B 342 -14.41 20.74 -30.41
CA TYR B 342 -13.59 19.54 -30.32
C TYR B 342 -14.44 18.32 -29.96
N ARG B 343 -15.44 18.53 -29.10
CA ARG B 343 -16.39 17.48 -28.75
C ARG B 343 -17.05 16.90 -30.01
N ALA B 344 -17.47 17.80 -30.91
CA ALA B 344 -18.08 17.40 -32.16
C ALA B 344 -17.06 16.72 -33.08
N ARG B 345 -15.84 17.23 -33.07
CA ARG B 345 -14.73 16.62 -33.80
C ARG B 345 -14.43 15.23 -33.25
N ALA B 346 -14.41 15.13 -31.92
CA ALA B 346 -14.14 13.87 -31.26
C ALA B 346 -15.19 12.83 -31.63
N LYS B 347 -16.45 13.26 -31.73
CA LYS B 347 -17.53 12.35 -32.10
C LYS B 347 -17.36 11.87 -33.53
N SER B 348 -16.75 12.70 -34.38
CA SER B 348 -16.50 12.32 -35.75
C SER B 348 -15.34 11.33 -35.85
N GLU B 349 -14.33 11.52 -35.01
CA GLU B 349 -13.22 10.59 -34.93
C GLU B 349 -13.70 9.22 -34.47
N THR B 350 -14.65 9.21 -33.54
CA THR B 350 -15.23 7.98 -33.05
C THR B 350 -15.96 7.25 -34.17
N ALA B 351 -16.60 8.03 -35.04
CA ALA B 351 -17.37 7.49 -36.14
C ALA B 351 -16.49 6.96 -37.26
N SER B 352 -15.41 7.69 -37.54
CA SER B 352 -14.56 7.37 -38.69
C SER B 352 -13.36 6.50 -38.36
N SER B 353 -12.79 6.67 -37.17
CA SER B 353 -11.53 6.03 -36.84
C SER B 353 -11.58 5.15 -35.58
N LYS B 354 -12.79 5.00 -35.02
CA LYS B 354 -12.98 4.27 -33.76
C LYS B 354 -12.10 4.82 -32.64
N VAL B 355 -11.98 6.14 -32.57
CA VAL B 355 -11.19 6.76 -31.50
C VAL B 355 -12.10 7.29 -30.40
N LEU B 356 -11.84 6.85 -29.17
CA LEU B 356 -12.59 7.32 -28.02
C LEU B 356 -11.77 8.35 -27.26
N PHE B 357 -12.47 9.17 -26.48
CA PHE B 357 -11.81 10.22 -25.72
C PHE B 357 -12.27 10.18 -24.28
N GLY B 358 -11.31 10.03 -23.38
CA GLY B 358 -11.61 9.89 -21.98
C GLY B 358 -10.55 10.52 -21.08
N GLY B 359 -10.91 10.75 -19.83
CA GLY B 359 -9.96 11.21 -18.85
C GLY B 359 -9.93 12.70 -18.64
N ARG B 360 -9.04 13.13 -17.76
CA ARG B 360 -8.85 14.53 -17.44
C ARG B 360 -8.51 15.34 -18.69
N LEU B 361 -7.50 14.88 -19.42
CA LEU B 361 -7.00 15.61 -20.59
C LEU B 361 -7.87 15.35 -21.81
N GLY B 362 -8.29 14.11 -21.99
CA GLY B 362 -9.10 13.73 -23.14
C GLY B 362 -10.47 14.39 -23.22
N THR B 363 -11.03 14.81 -22.08
CA THR B 363 -12.36 15.40 -22.08
C THR B 363 -12.41 16.81 -21.51
N TYR B 364 -11.24 17.37 -21.18
CA TYR B 364 -11.15 18.74 -20.66
C TYR B 364 -12.03 18.92 -19.43
N GLN B 365 -11.95 17.97 -18.51
CA GLN B 365 -12.72 18.04 -17.29
C GLN B 365 -11.82 18.00 -16.06
N TYR B 366 -12.28 18.67 -15.01
CA TYR B 366 -11.59 18.71 -13.72
C TYR B 366 -11.86 17.41 -12.96
N LEU B 367 -11.23 16.33 -13.40
CA LEU B 367 -11.48 14.99 -12.85
C LEU B 367 -10.53 14.58 -11.73
N ASP B 368 -11.09 14.14 -10.60
CA ASP B 368 -10.30 13.50 -9.56
C ASP B 368 -10.05 12.03 -9.92
N MET B 369 -9.15 11.39 -9.18
CA MET B 369 -8.77 10.00 -9.44
C MET B 369 -9.96 9.04 -9.48
N HIS B 370 -10.87 9.17 -8.52
CA HIS B 370 -12.01 8.27 -8.45
C HIS B 370 -13.01 8.57 -9.56
N MET B 371 -13.10 9.85 -9.93
N MET B 371 -13.11 9.84 -9.94
CA MET B 371 -13.98 10.28 -11.00
CA MET B 371 -14.02 10.21 -11.01
C MET B 371 -13.48 9.73 -12.33
C MET B 371 -13.49 9.71 -12.35
N ALA B 372 -12.16 9.70 -12.49
CA ALA B 372 -11.53 9.20 -13.71
C ALA B 372 -11.77 7.70 -13.89
N ILE B 373 -11.61 6.96 -12.80
CA ILE B 373 -11.82 5.51 -12.82
C ILE B 373 -13.30 5.18 -13.04
N ALA B 374 -14.18 5.90 -12.35
CA ALA B 374 -15.61 5.74 -12.54
C ALA B 374 -15.98 6.01 -13.99
N SER B 375 -15.36 7.04 -14.57
CA SER B 375 -15.60 7.40 -15.95
C SER B 375 -15.11 6.30 -16.90
N ALA B 376 -13.95 5.74 -16.58
CA ALA B 376 -13.38 4.66 -17.39
C ALA B 376 -14.25 3.42 -17.35
N LEU B 377 -14.73 3.07 -16.16
CA LEU B 377 -15.59 1.91 -15.98
C LEU B 377 -16.90 2.10 -16.77
N ASN B 378 -17.40 3.33 -16.78
CA ASN B 378 -18.58 3.67 -17.57
C ASN B 378 -18.33 3.47 -19.05
N MET B 379 -17.19 3.97 -19.52
CA MET B 379 -16.84 3.80 -20.93
C MET B 379 -16.63 2.33 -21.27
N TYR B 380 -16.02 1.59 -20.36
CA TYR B 380 -15.86 0.16 -20.57
C TYR B 380 -17.22 -0.54 -20.64
N ASP B 381 -18.06 -0.34 -19.62
CA ASP B 381 -19.37 -0.97 -19.55
C ASP B 381 -20.28 -0.66 -20.73
N ASN B 382 -20.32 0.60 -21.12
CA ASN B 382 -21.35 1.09 -22.04
C ASN B 382 -20.89 1.30 -23.47
N VAL B 383 -19.58 1.34 -23.68
CA VAL B 383 -19.06 1.62 -25.01
C VAL B 383 -18.09 0.55 -25.49
N LEU B 384 -16.99 0.36 -24.77
CA LEU B 384 -15.94 -0.55 -25.19
C LEU B 384 -16.32 -2.03 -25.16
N ALA B 385 -16.75 -2.51 -24.00
CA ALA B 385 -17.12 -3.92 -23.86
C ALA B 385 -18.22 -4.34 -24.85
N PRO B 386 -19.28 -3.53 -25.04
CA PRO B 386 -20.27 -3.96 -26.03
C PRO B 386 -19.69 -4.07 -27.44
N HIS B 387 -18.69 -3.25 -27.73
CA HIS B 387 -18.07 -3.24 -29.06
C HIS B 387 -17.13 -4.42 -29.27
N LEU B 388 -16.17 -4.56 -28.37
CA LEU B 388 -15.13 -5.58 -28.50
C LEU B 388 -15.68 -6.99 -28.35
N ARG B 389 -16.76 -7.14 -27.58
CA ARG B 389 -17.31 -8.44 -27.27
C ARG B 389 -18.54 -8.80 -28.10
N ASP B 390 -19.34 -7.79 -28.43
CA ASP B 390 -20.63 -8.03 -29.08
C ASP B 390 -20.81 -7.27 -30.39
N GLY B 391 -19.74 -6.67 -30.89
CA GLY B 391 -19.75 -6.02 -32.19
C GLY B 391 -20.56 -4.73 -32.31
N VAL B 392 -21.11 -4.25 -31.21
CA VAL B 392 -21.87 -3.01 -31.20
C VAL B 392 -20.99 -1.81 -31.59
N PRO B 393 -21.48 -0.95 -32.49
CA PRO B 393 -20.74 0.27 -32.85
C PRO B 393 -20.50 1.20 -31.66
N LEU B 394 -19.58 2.16 -31.82
CA LEU B 394 -19.07 2.92 -30.70
C LEU B 394 -19.79 4.25 -30.41
N LEU B 395 -20.81 4.58 -31.18
CA LEU B 395 -21.40 5.92 -31.06
C LEU B 395 -22.62 5.98 -30.16
N GLN B 396 -22.88 7.19 -29.65
CA GLN B 396 -23.97 7.44 -28.72
C GLN B 396 -25.14 8.14 -29.39
N MET C 4 -23.16 -33.28 46.46
CA MET C 4 -23.35 -32.14 45.58
C MET C 4 -22.03 -31.52 45.17
N THR C 5 -21.75 -31.48 43.88
CA THR C 5 -20.51 -30.89 43.43
C THR C 5 -20.61 -29.39 43.47
N ALA C 6 -19.48 -28.73 43.29
CA ALA C 6 -19.41 -27.26 43.26
C ALA C 6 -20.30 -26.69 42.16
N ARG C 7 -21.11 -25.70 42.53
CA ARG C 7 -22.01 -25.04 41.59
C ARG C 7 -21.23 -24.21 40.57
N PHE C 8 -20.28 -23.42 41.04
CA PHE C 8 -19.47 -22.57 40.17
C PHE C 8 -17.99 -22.85 40.31
N ASP C 9 -17.23 -22.54 39.26
CA ASP C 9 -15.78 -22.68 39.31
C ASP C 9 -15.11 -21.36 39.68
N LEU C 10 -15.86 -20.27 39.55
CA LEU C 10 -15.29 -18.94 39.77
C LEU C 10 -16.36 -17.91 40.13
N PHE C 11 -16.04 -17.03 41.06
CA PHE C 11 -16.89 -15.88 41.37
C PHE C 11 -16.23 -14.61 40.92
N VAL C 12 -16.98 -13.79 40.17
CA VAL C 12 -16.46 -12.51 39.71
C VAL C 12 -17.35 -11.38 40.19
N VAL C 13 -16.76 -10.44 40.92
CA VAL C 13 -17.52 -9.33 41.45
C VAL C 13 -17.36 -8.10 40.58
N GLY C 14 -18.44 -7.73 39.89
CA GLY C 14 -18.42 -6.60 38.98
C GLY C 14 -18.42 -7.05 37.54
N SER C 15 -19.33 -6.50 36.75
CA SER C 15 -19.44 -6.87 35.34
C SER C 15 -18.87 -5.80 34.43
N GLY C 16 -17.80 -5.14 34.88
CA GLY C 16 -17.08 -4.18 34.05
C GLY C 16 -16.19 -4.92 33.07
N PHE C 17 -15.36 -4.17 32.35
CA PHE C 17 -14.50 -4.78 31.34
C PHE C 17 -13.51 -5.76 31.93
N PHE C 18 -13.01 -5.47 33.13
CA PHE C 18 -12.12 -6.40 33.80
C PHE C 18 -12.84 -7.69 34.11
N GLY C 19 -13.99 -7.57 34.80
CA GLY C 19 -14.76 -8.71 35.22
C GLY C 19 -15.26 -9.60 34.10
N LEU C 20 -15.77 -8.99 33.04
CA LEU C 20 -16.30 -9.74 31.91
C LEU C 20 -15.18 -10.39 31.08
N THR C 21 -14.03 -9.73 31.03
CA THR C 21 -12.88 -10.32 30.35
C THR C 21 -12.42 -11.54 31.12
N ILE C 22 -12.37 -11.42 32.44
CA ILE C 22 -12.02 -12.55 33.28
C ILE C 22 -13.02 -13.68 33.10
N ALA C 23 -14.31 -13.34 33.17
CA ALA C 23 -15.35 -14.36 33.09
C ALA C 23 -15.39 -15.03 31.71
N GLU C 24 -15.23 -14.26 30.65
CA GLU C 24 -15.28 -14.81 29.31
C GLU C 24 -14.11 -15.76 29.05
N ARG C 25 -12.91 -15.37 29.50
CA ARG C 25 -11.73 -16.19 29.28
C ARG C 25 -11.80 -17.50 30.05
N VAL C 26 -12.22 -17.42 31.31
CA VAL C 26 -12.32 -18.60 32.15
C VAL C 26 -13.37 -19.56 31.60
N ALA C 27 -14.49 -19.00 31.14
CA ALA C 27 -15.59 -19.80 30.63
C ALA C 27 -15.26 -20.45 29.28
N THR C 28 -14.75 -19.66 28.34
CA THR C 28 -14.54 -20.17 26.98
C THR C 28 -13.27 -21.00 26.84
N GLN C 29 -12.20 -20.59 27.52
CA GLN C 29 -10.91 -21.24 27.34
C GLN C 29 -10.66 -22.41 28.31
N LEU C 30 -11.34 -22.41 29.45
CA LEU C 30 -11.13 -23.46 30.43
C LEU C 30 -12.36 -24.34 30.62
N ASP C 31 -13.45 -23.98 29.95
CA ASP C 31 -14.73 -24.69 30.07
C ASP C 31 -15.19 -24.74 31.53
N LYS C 32 -15.15 -23.58 32.19
CA LYS C 32 -15.53 -23.48 33.59
C LYS C 32 -16.78 -22.62 33.75
N ARG C 33 -17.43 -22.72 34.90
CA ARG C 33 -18.65 -21.96 35.14
C ARG C 33 -18.41 -20.78 36.07
N VAL C 34 -18.78 -19.60 35.59
CA VAL C 34 -18.54 -18.35 36.29
C VAL C 34 -19.83 -17.67 36.70
N LEU C 35 -19.95 -17.35 37.99
CA LEU C 35 -21.01 -16.50 38.47
C LEU C 35 -20.50 -15.06 38.55
N VAL C 36 -21.10 -14.17 37.77
CA VAL C 36 -20.74 -12.76 37.80
C VAL C 36 -21.80 -12.01 38.60
N LEU C 37 -21.37 -11.27 39.60
CA LEU C 37 -22.29 -10.55 40.45
C LEU C 37 -22.13 -9.04 40.28
N GLU C 38 -23.25 -8.39 39.99
CA GLU C 38 -23.25 -6.97 39.64
C GLU C 38 -24.27 -6.21 40.48
N ARG C 39 -23.77 -5.27 41.29
CA ARG C 39 -24.62 -4.50 42.19
C ARG C 39 -25.63 -3.65 41.42
N ARG C 40 -25.21 -3.16 40.25
CA ARG C 40 -26.03 -2.28 39.42
C ARG C 40 -27.16 -3.04 38.70
N PRO C 41 -28.15 -2.31 38.14
CA PRO C 41 -29.23 -2.94 37.38
C PRO C 41 -28.82 -3.36 35.96
N HIS C 42 -27.58 -3.10 35.60
CA HIS C 42 -27.10 -3.38 34.24
C HIS C 42 -25.66 -3.85 34.28
N ILE C 43 -25.21 -4.52 33.21
CA ILE C 43 -23.82 -4.91 33.12
C ILE C 43 -22.99 -3.84 32.44
N GLY C 44 -21.68 -4.03 32.45
CA GLY C 44 -20.80 -3.18 31.68
C GLY C 44 -20.05 -2.15 32.50
N GLY C 45 -20.33 -2.09 33.79
CA GLY C 45 -19.71 -1.13 34.66
C GLY C 45 -20.00 0.29 34.20
N ASN C 46 -18.95 1.11 34.12
CA ASN C 46 -19.11 2.49 33.69
C ASN C 46 -19.17 2.63 32.18
N ALA C 47 -18.97 1.52 31.47
CA ALA C 47 -19.01 1.54 30.01
C ALA C 47 -20.42 1.33 29.48
N TYR C 48 -21.38 1.17 30.37
CA TYR C 48 -22.76 0.93 29.96
C TYR C 48 -23.34 2.12 29.19
N SER C 49 -23.90 1.83 28.02
CA SER C 49 -24.50 2.88 27.19
C SER C 49 -26.00 2.64 26.99
N GLU C 50 -26.70 3.66 26.55
CA GLU C 50 -28.14 3.59 26.40
C GLU C 50 -28.64 4.60 25.38
N ALA C 51 -29.54 4.15 24.50
CA ALA C 51 -30.10 5.04 23.49
C ALA C 51 -31.09 6.00 24.12
N GLU C 52 -30.90 7.28 23.85
CA GLU C 52 -31.83 8.31 24.25
C GLU C 52 -33.09 8.21 23.38
N PRO C 53 -34.26 8.08 24.03
CA PRO C 53 -35.54 7.78 23.39
C PRO C 53 -35.92 8.71 22.25
N GLN C 54 -35.86 10.02 22.48
CA GLN C 54 -36.31 11.00 21.51
C GLN C 54 -35.50 10.98 20.21
N THR C 55 -34.19 10.81 20.33
CA THR C 55 -33.31 10.93 19.18
C THR C 55 -32.78 9.59 18.67
N GLY C 56 -32.70 8.60 19.55
CA GLY C 56 -32.13 7.32 19.19
C GLY C 56 -30.62 7.31 19.35
N ILE C 57 -30.07 8.44 19.74
CA ILE C 57 -28.64 8.60 19.92
C ILE C 57 -28.13 7.83 21.15
N GLU C 58 -27.01 7.14 21.00
CA GLU C 58 -26.43 6.38 22.09
C GLU C 58 -25.70 7.26 23.09
N VAL C 59 -26.12 7.20 24.34
CA VAL C 59 -25.52 7.99 25.40
C VAL C 59 -24.67 7.11 26.31
N HIS C 60 -23.40 7.48 26.46
CA HIS C 60 -22.53 6.83 27.42
C HIS C 60 -22.87 7.37 28.80
N LYS C 61 -23.66 6.64 29.56
CA LYS C 61 -24.28 7.19 30.76
C LYS C 61 -23.31 7.48 31.91
N TYR C 62 -22.13 6.86 31.90
CA TYR C 62 -21.13 7.15 32.93
C TYR C 62 -19.94 7.90 32.35
N GLY C 63 -20.20 8.88 31.49
CA GLY C 63 -19.14 9.63 30.87
C GLY C 63 -18.73 8.99 29.57
N ALA C 64 -18.27 9.80 28.62
CA ALA C 64 -17.91 9.31 27.30
C ALA C 64 -16.83 8.26 27.39
N HIS C 65 -17.04 7.17 26.66
CA HIS C 65 -16.03 6.14 26.60
C HIS C 65 -15.47 6.03 25.17
N LEU C 66 -14.18 6.26 25.05
CA LEU C 66 -13.49 6.20 23.77
C LEU C 66 -12.45 5.07 23.83
N PHE C 67 -12.60 4.06 22.98
CA PHE C 67 -11.67 2.93 23.02
C PHE C 67 -10.44 3.14 22.13
N HIS C 68 -9.28 2.79 22.68
CA HIS C 68 -8.01 2.96 22.00
C HIS C 68 -6.93 2.09 22.64
N THR C 69 -6.07 1.49 21.82
CA THR C 69 -4.95 0.70 22.33
C THR C 69 -3.88 0.48 21.26
N SER C 70 -2.64 0.29 21.69
CA SER C 70 -1.54 -0.05 20.79
C SER C 70 -1.22 -1.53 20.93
N ASN C 71 -1.91 -2.17 21.89
CA ASN C 71 -1.79 -3.60 22.12
C ASN C 71 -2.62 -4.39 21.10
N LYS C 72 -1.94 -5.09 20.21
CA LYS C 72 -2.63 -5.83 19.16
C LYS C 72 -3.41 -7.00 19.72
N ARG C 73 -2.87 -7.63 20.76
CA ARG C 73 -3.56 -8.73 21.41
C ARG C 73 -4.93 -8.30 21.91
N VAL C 74 -4.97 -7.20 22.65
CA VAL C 74 -6.22 -6.65 23.15
C VAL C 74 -7.15 -6.26 22.00
N TRP C 75 -6.56 -5.64 20.98
CA TRP C 75 -7.32 -5.23 19.80
C TRP C 75 -8.01 -6.42 19.15
N ASP C 76 -7.26 -7.49 18.92
CA ASP C 76 -7.81 -8.71 18.32
C ASP C 76 -8.86 -9.36 19.22
N TYR C 77 -8.65 -9.27 20.54
CA TYR C 77 -9.57 -9.88 21.49
C TYR C 77 -10.93 -9.18 21.51
N VAL C 78 -10.93 -7.85 21.68
CA VAL C 78 -12.19 -7.12 21.79
C VAL C 78 -13.01 -7.19 20.51
N ARG C 79 -12.34 -7.38 19.37
CA ARG C 79 -13.03 -7.45 18.08
C ARG C 79 -13.76 -8.79 17.90
N GLN C 80 -13.61 -9.68 18.86
CA GLN C 80 -14.37 -10.92 18.87
C GLN C 80 -15.81 -10.67 19.33
N PHE C 81 -16.05 -9.49 19.88
CA PHE C 81 -17.34 -9.21 20.52
C PHE C 81 -18.03 -8.00 19.92
N THR C 82 -17.29 -7.22 19.13
CA THR C 82 -17.86 -6.04 18.50
C THR C 82 -17.05 -5.59 17.28
N ASP C 83 -17.71 -4.90 16.36
CA ASP C 83 -17.00 -4.19 15.31
C ASP C 83 -16.66 -2.80 15.84
N PHE C 84 -15.71 -2.14 15.20
CA PHE C 84 -15.35 -0.78 15.59
C PHE C 84 -15.46 0.16 14.41
N THR C 85 -16.02 1.34 14.67
CA THR C 85 -16.05 2.38 13.65
C THR C 85 -14.65 2.97 13.51
N ASP C 86 -14.46 3.81 12.50
CA ASP C 86 -13.17 4.45 12.31
C ASP C 86 -13.17 5.85 12.91
N TYR C 87 -13.95 6.01 13.97
CA TYR C 87 -13.97 7.27 14.69
C TYR C 87 -12.58 7.54 15.29
N ARG C 88 -12.12 8.77 15.14
CA ARG C 88 -10.88 9.21 15.75
C ARG C 88 -11.21 10.34 16.73
N HIS C 89 -10.92 10.14 18.00
CA HIS C 89 -11.36 11.09 19.01
C HIS C 89 -10.57 12.39 18.98
N ARG C 90 -11.28 13.51 18.92
CA ARG C 90 -10.65 14.82 19.04
C ARG C 90 -11.39 15.66 20.08
N VAL C 91 -10.62 16.41 20.85
CA VAL C 91 -11.17 17.28 21.87
C VAL C 91 -10.81 18.73 21.55
N PHE C 92 -11.78 19.61 21.71
CA PHE C 92 -11.52 21.04 21.64
C PHE C 92 -11.64 21.64 23.03
N ALA C 93 -10.96 22.75 23.27
CA ALA C 93 -10.96 23.35 24.60
C ALA C 93 -11.48 24.78 24.56
N MET C 94 -12.41 25.07 25.45
CA MET C 94 -13.02 26.40 25.54
C MET C 94 -12.27 27.24 26.57
N HIS C 95 -11.79 28.40 26.14
CA HIS C 95 -11.02 29.27 27.02
C HIS C 95 -11.23 30.73 26.65
N ASN C 96 -11.79 31.50 27.58
CA ASN C 96 -12.08 32.91 27.37
C ASN C 96 -12.91 33.18 26.11
N GLY C 97 -13.94 32.37 25.90
CA GLY C 97 -14.85 32.59 24.78
C GLY C 97 -14.33 32.13 23.44
N GLN C 98 -13.15 31.51 23.43
CA GLN C 98 -12.60 30.97 22.19
C GLN C 98 -12.40 29.46 22.29
N ALA C 99 -12.69 28.77 21.19
CA ALA C 99 -12.49 27.33 21.12
C ALA C 99 -11.15 27.02 20.49
N TYR C 100 -10.30 26.30 21.23
CA TYR C 100 -8.94 26.03 20.80
C TYR C 100 -8.74 24.59 20.35
N GLN C 101 -7.87 24.39 19.36
CA GLN C 101 -7.40 23.05 19.03
C GLN C 101 -6.65 22.49 20.22
N PHE C 102 -6.73 21.18 20.40
CA PHE C 102 -6.27 20.53 21.62
C PHE C 102 -5.94 19.08 21.29
N PRO C 103 -4.98 18.46 22.00
CA PRO C 103 -4.16 18.99 23.08
C PRO C 103 -2.95 19.79 22.59
N MET C 104 -1.82 19.60 23.26
CA MET C 104 -0.61 20.35 22.92
C MET C 104 -0.14 20.06 21.50
N GLY C 105 -0.12 21.10 20.68
CA GLY C 105 0.27 20.98 19.29
C GLY C 105 0.40 22.34 18.64
N LEU C 106 0.66 22.35 17.34
CA LEU C 106 0.84 23.60 16.61
C LEU C 106 -0.45 24.39 16.52
N GLY C 107 -1.57 23.68 16.50
CA GLY C 107 -2.87 24.31 16.43
C GLY C 107 -3.15 25.08 17.71
N LEU C 108 -2.95 24.44 18.85
CA LEU C 108 -3.13 25.09 20.14
C LEU C 108 -2.19 26.28 20.28
N VAL C 109 -0.93 26.07 19.93
CA VAL C 109 0.10 27.09 20.09
C VAL C 109 -0.17 28.31 19.20
N SER C 110 -0.45 28.07 17.93
CA SER C 110 -0.67 29.17 16.98
C SER C 110 -1.88 30.03 17.37
N GLN C 111 -2.95 29.39 17.85
CA GLN C 111 -4.13 30.12 18.30
C GLN C 111 -3.83 30.95 19.53
N PHE C 112 -3.34 30.30 20.57
CA PHE C 112 -3.13 30.94 21.86
C PHE C 112 -2.12 32.07 21.80
N PHE C 113 -1.10 31.91 20.96
CA PHE C 113 -0.04 32.91 20.88
C PHE C 113 -0.20 33.84 19.66
N GLY C 114 -1.33 33.69 18.96
CA GLY C 114 -1.73 34.68 17.97
C GLY C 114 -1.04 34.68 16.62
N LYS C 115 -0.09 33.76 16.41
CA LYS C 115 0.58 33.66 15.13
C LYS C 115 1.09 32.24 14.89
N TYR C 116 1.42 31.93 13.64
CA TYR C 116 1.86 30.59 13.29
C TYR C 116 3.30 30.33 13.70
N PHE C 117 3.49 29.21 14.41
CA PHE C 117 4.81 28.75 14.81
C PHE C 117 5.19 27.49 14.04
N THR C 118 6.37 27.48 13.43
CA THR C 118 6.88 26.27 12.80
C THR C 118 7.16 25.25 13.91
N PRO C 119 7.22 23.96 13.56
CA PRO C 119 7.55 22.93 14.56
C PRO C 119 8.78 23.30 15.38
N GLU C 120 9.80 23.83 14.72
CA GLU C 120 11.04 24.19 15.40
C GLU C 120 10.85 25.43 16.28
N GLN C 121 10.09 26.40 15.77
CA GLN C 121 9.82 27.61 16.53
C GLN C 121 8.97 27.29 17.76
N ALA C 122 8.05 26.36 17.60
CA ALA C 122 7.18 25.96 18.70
C ALA C 122 7.96 25.21 19.78
N ARG C 123 8.90 24.36 19.34
CA ARG C 123 9.75 23.65 20.28
C ARG C 123 10.57 24.62 21.11
N GLN C 124 11.03 25.68 20.45
CA GLN C 124 11.84 26.69 21.11
C GLN C 124 11.01 27.48 22.14
N LEU C 125 9.84 27.95 21.70
CA LEU C 125 8.95 28.72 22.56
C LEU C 125 8.57 27.99 23.85
N ILE C 126 8.20 26.73 23.70
CA ILE C 126 7.78 25.92 24.84
C ILE C 126 8.99 25.60 25.73
N ALA C 127 10.15 25.42 25.10
CA ALA C 127 11.38 25.16 25.84
C ALA C 127 11.68 26.29 26.82
N GLU C 128 11.45 27.52 26.38
CA GLU C 128 11.67 28.70 27.22
C GLU C 128 10.69 28.72 28.39
N GLN C 129 9.43 28.42 28.09
CA GLN C 129 8.36 28.51 29.07
C GLN C 129 8.32 27.30 29.99
N ALA C 130 9.09 26.27 29.65
CA ALA C 130 9.15 25.06 30.46
C ALA C 130 10.48 25.00 31.22
N ALA C 131 11.20 26.12 31.23
CA ALA C 131 12.56 26.17 31.76
C ALA C 131 12.65 25.85 33.25
N GLU C 132 11.65 26.28 34.01
CA GLU C 132 11.69 26.17 35.48
C GLU C 132 11.76 24.74 36.00
N ILE C 133 11.33 23.78 35.19
CA ILE C 133 11.35 22.38 35.59
C ILE C 133 11.47 21.47 34.37
N ASP C 134 12.31 20.44 34.48
CA ASP C 134 12.50 19.49 33.38
C ASP C 134 11.75 18.20 33.64
N THR C 135 11.24 17.59 32.56
CA THR C 135 10.34 16.43 32.66
C THR C 135 10.89 15.28 33.49
N ALA C 136 12.20 15.07 33.41
CA ALA C 136 12.85 13.99 34.16
C ALA C 136 12.77 14.28 35.66
N ASP C 137 12.71 15.55 36.01
CA ASP C 137 12.71 15.97 37.41
C ASP C 137 11.31 16.16 37.98
N ALA C 138 10.29 16.02 37.13
CA ALA C 138 8.91 16.26 37.54
C ALA C 138 8.42 15.24 38.55
N GLN C 139 7.72 15.72 39.57
CA GLN C 139 7.28 14.89 40.68
C GLN C 139 5.76 14.86 40.81
N ASN C 140 5.10 15.86 40.23
CA ASN C 140 3.65 15.98 40.30
C ASN C 140 3.02 16.49 39.01
N LEU C 141 1.69 16.61 39.01
CA LEU C 141 0.94 17.04 37.85
C LEU C 141 1.38 18.44 37.36
N GLU C 142 1.45 19.39 38.30
CA GLU C 142 1.81 20.76 37.95
C GLU C 142 3.20 20.86 37.31
N GLU C 143 4.19 20.22 37.92
CA GLU C 143 5.55 20.27 37.41
C GLU C 143 5.69 19.55 36.07
N LYS C 144 5.00 18.42 35.93
CA LYS C 144 5.07 17.65 34.69
C LYS C 144 4.40 18.38 33.54
N ALA C 145 3.27 19.02 33.83
CA ALA C 145 2.53 19.76 32.80
C ALA C 145 3.30 21.00 32.34
N ILE C 146 3.89 21.72 33.29
CA ILE C 146 4.68 22.89 32.97
C ILE C 146 5.89 22.50 32.13
N SER C 147 6.48 21.35 32.45
CA SER C 147 7.66 20.85 31.75
C SER C 147 7.35 20.26 30.38
N LEU C 148 6.06 20.19 30.04
CA LEU C 148 5.64 19.55 28.80
C LEU C 148 5.02 20.54 27.82
N ILE C 149 4.29 21.51 28.35
CA ILE C 149 3.59 22.47 27.49
C ILE C 149 3.91 23.93 27.82
N GLY C 150 4.66 24.14 28.89
CA GLY C 150 5.02 25.49 29.30
C GLY C 150 4.00 26.05 30.28
N ARG C 151 4.39 27.08 31.03
CA ARG C 151 3.52 27.63 32.07
C ARG C 151 2.32 28.46 31.56
N PRO C 152 2.51 29.29 30.51
CA PRO C 152 1.32 30.00 30.02
C PRO C 152 0.20 29.07 29.58
N LEU C 153 0.55 27.99 28.88
CA LEU C 153 -0.44 27.00 28.44
C LEU C 153 -0.98 26.21 29.62
N TYR C 154 -0.11 25.94 30.58
CA TYR C 154 -0.49 25.21 31.78
C TYR C 154 -1.55 25.97 32.57
N GLU C 155 -1.37 27.28 32.72
CA GLU C 155 -2.31 28.07 33.50
C GLU C 155 -3.60 28.35 32.74
N ALA C 156 -3.55 28.27 31.41
CA ALA C 156 -4.70 28.58 30.58
C ALA C 156 -5.59 27.36 30.31
N PHE C 157 -5.01 26.17 30.33
CA PHE C 157 -5.74 24.96 29.93
C PHE C 157 -5.66 23.81 30.91
N VAL C 158 -4.77 23.89 31.90
CA VAL C 158 -4.60 22.79 32.84
C VAL C 158 -5.05 23.12 34.27
N LYS C 159 -4.63 24.27 34.78
CA LYS C 159 -4.95 24.65 36.16
C LYS C 159 -6.44 24.66 36.47
N GLY C 160 -7.20 25.42 35.69
CA GLY C 160 -8.63 25.52 35.88
C GLY C 160 -9.33 24.18 35.75
N TYR C 161 -9.00 23.44 34.69
CA TYR C 161 -9.59 22.13 34.44
C TYR C 161 -9.25 21.17 35.58
N THR C 162 -7.98 21.11 35.95
CA THR C 162 -7.51 20.24 37.01
C THR C 162 -8.16 20.60 38.34
N ALA C 163 -8.38 21.90 38.55
CA ALA C 163 -9.04 22.37 39.76
C ALA C 163 -10.46 21.81 39.88
N LYS C 164 -11.23 21.93 38.80
CA LYS C 164 -12.61 21.47 38.79
C LYS C 164 -12.70 19.96 38.80
N GLN C 165 -11.75 19.31 38.16
CA GLN C 165 -11.79 17.86 38.01
C GLN C 165 -11.34 17.14 39.27
N TRP C 166 -10.40 17.73 40.00
CA TRP C 166 -9.80 17.05 41.16
C TRP C 166 -10.02 17.77 42.49
N GLN C 167 -10.11 19.09 42.44
CA GLN C 167 -10.17 19.92 43.65
C GLN C 167 -9.05 19.56 44.62
N THR C 168 -7.86 19.33 44.06
CA THR C 168 -6.70 18.95 44.83
C THR C 168 -5.49 19.68 44.28
N ASP C 169 -4.60 20.10 45.16
CA ASP C 169 -3.38 20.82 44.78
C ASP C 169 -2.65 20.08 43.67
N PRO C 170 -2.43 20.76 42.53
CA PRO C 170 -1.72 20.21 41.37
C PRO C 170 -0.33 19.67 41.74
N LYS C 171 0.21 20.14 42.86
CA LYS C 171 1.49 19.64 43.37
C LYS C 171 1.30 18.31 44.09
N GLU C 172 0.06 17.97 44.40
CA GLU C 172 -0.24 16.75 45.15
C GLU C 172 -0.78 15.64 44.25
N LEU C 173 -0.96 15.95 42.97
CA LEU C 173 -1.49 14.99 42.02
C LEU C 173 -0.35 14.34 41.23
N PRO C 174 -0.51 13.05 40.88
CA PRO C 174 0.48 12.29 40.12
C PRO C 174 0.79 12.92 38.77
N ALA C 175 2.04 12.82 38.34
CA ALA C 175 2.45 13.34 37.03
C ALA C 175 1.82 12.51 35.92
N ALA C 176 1.48 11.27 36.23
CA ALA C 176 0.91 10.34 35.26
C ALA C 176 -0.42 10.83 34.69
N ASN C 177 -1.09 11.71 35.43
CA ASN C 177 -2.38 12.22 35.01
C ASN C 177 -2.31 13.06 33.74
N ILE C 178 -1.35 13.98 33.70
CA ILE C 178 -1.24 14.91 32.59
C ILE C 178 -0.50 14.28 31.41
N THR C 179 0.26 13.21 31.67
CA THR C 179 0.97 12.52 30.61
C THR C 179 0.06 11.54 29.86
N ARG C 180 -1.20 11.52 30.23
CA ARG C 180 -2.21 10.79 29.48
C ARG C 180 -2.44 11.47 28.14
N LEU C 181 -2.19 12.78 28.12
CA LEU C 181 -2.40 13.59 26.92
C LEU C 181 -1.13 13.65 26.08
N PRO C 182 -1.26 13.38 24.78
CA PRO C 182 -0.09 13.47 23.88
C PRO C 182 0.45 14.89 23.78
N VAL C 183 1.77 15.01 23.78
CA VAL C 183 2.43 16.30 23.59
C VAL C 183 3.05 16.32 22.20
N ARG C 184 2.53 17.17 21.32
CA ARG C 184 2.95 17.17 19.92
C ARG C 184 3.44 18.54 19.45
N TYR C 185 4.20 18.52 18.35
CA TYR C 185 4.64 19.73 17.68
C TYR C 185 4.26 19.64 16.21
N THR C 186 3.08 19.07 15.99
CA THR C 186 2.47 18.97 14.67
C THR C 186 1.05 19.54 14.77
N PHE C 187 0.31 19.49 13.67
CA PHE C 187 -1.08 19.93 13.70
C PHE C 187 -2.03 18.77 13.99
N ASP C 188 -1.46 17.60 14.26
CA ASP C 188 -2.23 16.43 14.61
C ASP C 188 -2.90 16.61 15.98
N ASN C 189 -4.23 16.74 15.97
CA ASN C 189 -4.96 16.97 17.21
C ASN C 189 -5.76 15.74 17.66
N ARG C 190 -5.28 14.55 17.29
CA ARG C 190 -5.87 13.33 17.81
C ARG C 190 -5.63 13.24 19.30
N TYR C 191 -6.70 13.06 20.06
CA TYR C 191 -6.60 13.09 21.51
C TYR C 191 -5.87 11.88 22.06
N PHE C 192 -5.79 10.82 21.25
CA PHE C 192 -5.04 9.64 21.63
C PHE C 192 -3.96 9.34 20.59
N SER C 193 -2.93 8.63 21.02
CA SER C 193 -1.80 8.34 20.15
C SER C 193 -1.59 6.84 19.97
N ASP C 194 -2.63 6.06 20.23
CA ASP C 194 -2.53 4.60 20.10
C ASP C 194 -2.73 4.14 18.65
N THR C 195 -2.22 2.94 18.37
CA THR C 195 -2.28 2.36 17.04
C THR C 195 -3.72 2.08 16.59
N TYR C 196 -4.51 1.50 17.48
CA TYR C 196 -5.89 1.15 17.15
C TYR C 196 -6.88 2.00 17.95
N GLU C 197 -7.97 2.41 17.29
CA GLU C 197 -8.95 3.27 17.92
C GLU C 197 -10.29 3.20 17.20
N GLY C 198 -11.38 3.27 17.96
CA GLY C 198 -12.70 3.31 17.38
C GLY C 198 -13.80 3.20 18.43
N LEU C 199 -15.03 3.41 17.99
CA LEU C 199 -16.17 3.19 18.86
C LEU C 199 -16.84 1.89 18.45
N PRO C 200 -17.49 1.21 19.40
CA PRO C 200 -18.24 0.00 19.07
C PRO C 200 -19.39 0.31 18.11
N THR C 201 -19.38 -0.30 16.94
CA THR C 201 -20.34 -0.02 15.89
C THR C 201 -21.78 -0.07 16.38
N ASP C 202 -22.08 -1.09 17.18
CA ASP C 202 -23.45 -1.29 17.65
C ASP C 202 -23.59 -0.84 19.11
N GLY C 203 -22.64 -0.05 19.58
CA GLY C 203 -22.71 0.48 20.92
C GLY C 203 -22.07 -0.39 21.98
N TYR C 204 -21.82 0.19 23.14
CA TYR C 204 -21.09 -0.49 24.20
C TYR C 204 -21.84 -1.66 24.82
N THR C 205 -23.14 -1.50 25.02
CA THR C 205 -23.93 -2.52 25.68
C THR C 205 -23.93 -3.83 24.88
N ALA C 206 -24.07 -3.72 23.57
CA ALA C 206 -24.03 -4.89 22.68
C ALA C 206 -22.69 -5.62 22.80
N TRP C 207 -21.61 -4.84 22.83
CA TRP C 207 -20.26 -5.35 23.03
C TRP C 207 -20.18 -6.08 24.38
N LEU C 208 -20.61 -5.42 25.44
CA LEU C 208 -20.54 -5.97 26.79
C LEU C 208 -21.40 -7.22 26.93
N GLN C 209 -22.57 -7.23 26.30
CA GLN C 209 -23.45 -8.38 26.36
C GLN C 209 -22.85 -9.57 25.62
N ASN C 210 -22.10 -9.31 24.56
CA ASN C 210 -21.47 -10.38 23.79
C ASN C 210 -20.39 -11.08 24.60
N MET C 211 -19.70 -10.32 25.45
CA MET C 211 -18.66 -10.90 26.28
C MET C 211 -19.25 -11.82 27.34
N ALA C 212 -20.41 -11.45 27.87
CA ALA C 212 -21.08 -12.23 28.91
C ALA C 212 -22.14 -13.17 28.33
N ALA C 213 -22.08 -13.39 27.02
CA ALA C 213 -23.12 -14.18 26.34
C ALA C 213 -23.01 -15.67 26.61
N ASP C 214 -21.79 -16.15 26.82
CA ASP C 214 -21.52 -17.58 26.95
C ASP C 214 -22.42 -18.23 28.01
N HIS C 215 -22.94 -19.41 27.68
CA HIS C 215 -23.90 -20.08 28.55
C HIS C 215 -23.31 -20.45 29.90
N ARG C 216 -21.99 -20.58 29.96
CA ARG C 216 -21.31 -20.93 31.20
C ARG C 216 -21.08 -19.72 32.09
N ILE C 217 -21.46 -18.55 31.59
CA ILE C 217 -21.40 -17.32 32.37
C ILE C 217 -22.79 -16.90 32.83
N GLU C 218 -22.98 -16.77 34.13
CA GLU C 218 -24.24 -16.27 34.66
C GLU C 218 -24.01 -14.93 35.33
N VAL C 219 -24.79 -13.95 34.93
CA VAL C 219 -24.68 -12.62 35.50
C VAL C 219 -25.90 -12.30 36.34
N ARG C 220 -25.68 -11.97 37.60
CA ARG C 220 -26.79 -11.58 38.47
C ARG C 220 -26.75 -10.10 38.73
N LEU C 221 -27.75 -9.40 38.22
CA LEU C 221 -27.83 -7.95 38.39
C LEU C 221 -28.48 -7.63 39.72
N ASN C 222 -28.29 -6.39 40.18
CA ASN C 222 -28.85 -5.93 41.44
C ASN C 222 -28.45 -6.82 42.60
N THR C 223 -27.19 -7.25 42.58
CA THR C 223 -26.67 -8.16 43.59
C THR C 223 -25.34 -7.66 44.15
N ASP C 224 -25.35 -7.26 45.41
CA ASP C 224 -24.13 -6.85 46.08
C ASP C 224 -23.44 -8.09 46.65
N TRP C 225 -22.17 -8.27 46.25
CA TRP C 225 -21.39 -9.44 46.63
C TRP C 225 -21.34 -9.67 48.13
N PHE C 226 -21.38 -8.59 48.90
CA PHE C 226 -21.29 -8.68 50.35
C PHE C 226 -22.62 -9.09 50.98
N ASP C 227 -23.67 -9.14 50.17
CA ASP C 227 -24.98 -9.62 50.62
C ASP C 227 -25.14 -11.11 50.38
N VAL C 228 -24.33 -11.69 49.50
CA VAL C 228 -24.57 -13.04 49.03
C VAL C 228 -23.38 -14.00 49.14
N ARG C 229 -22.20 -13.46 49.45
CA ARG C 229 -20.99 -14.28 49.51
C ARG C 229 -21.03 -15.29 50.66
N GLY C 230 -21.79 -14.95 51.70
CA GLY C 230 -21.93 -15.84 52.84
C GLY C 230 -22.63 -17.14 52.45
N GLN C 231 -23.49 -17.05 51.45
CA GLN C 231 -24.26 -18.21 51.00
C GLN C 231 -23.63 -18.88 49.79
N LEU C 232 -23.12 -18.06 48.87
CA LEU C 232 -22.61 -18.57 47.60
C LEU C 232 -21.32 -19.37 47.72
N ARG C 233 -20.34 -18.82 48.43
CA ARG C 233 -19.03 -19.47 48.54
C ARG C 233 -19.06 -20.88 49.18
N PRO C 234 -19.90 -21.09 50.23
CA PRO C 234 -20.01 -22.48 50.69
C PRO C 234 -20.55 -23.45 49.63
N GLY C 235 -21.30 -22.94 48.66
CA GLY C 235 -21.81 -23.76 47.59
C GLY C 235 -20.72 -24.14 46.61
N SER C 236 -19.68 -23.32 46.56
CA SER C 236 -18.53 -23.55 45.70
C SER C 236 -17.25 -23.14 46.44
N PRO C 237 -16.83 -23.96 47.42
CA PRO C 237 -15.77 -23.60 48.37
C PRO C 237 -14.40 -23.41 47.75
N ALA C 238 -14.10 -24.15 46.68
CA ALA C 238 -12.79 -24.09 46.05
C ALA C 238 -12.70 -22.94 45.05
N ALA C 239 -13.85 -22.42 44.64
CA ALA C 239 -13.90 -21.36 43.63
C ALA C 239 -13.27 -20.07 44.12
N PRO C 240 -12.29 -19.56 43.36
CA PRO C 240 -11.65 -18.28 43.68
C PRO C 240 -12.61 -17.12 43.48
N VAL C 241 -12.24 -15.96 43.99
CA VAL C 241 -13.04 -14.77 43.81
C VAL C 241 -12.20 -13.67 43.17
N VAL C 242 -12.72 -13.12 42.08
CA VAL C 242 -12.12 -11.96 41.45
C VAL C 242 -12.98 -10.75 41.79
N TYR C 243 -12.48 -9.90 42.67
CA TYR C 243 -13.22 -8.73 43.11
C TYR C 243 -12.73 -7.49 42.36
N THR C 244 -13.66 -6.70 41.84
CA THR C 244 -13.31 -5.53 41.05
C THR C 244 -13.98 -4.27 41.58
N GLY C 245 -14.65 -4.38 42.71
CA GLY C 245 -15.24 -3.22 43.36
C GLY C 245 -14.15 -2.42 44.07
N PRO C 246 -14.54 -1.37 44.79
CA PRO C 246 -13.59 -0.53 45.54
C PRO C 246 -12.75 -1.33 46.54
N LEU C 247 -11.43 -1.16 46.49
CA LEU C 247 -10.51 -1.90 47.35
C LEU C 247 -10.70 -1.58 48.82
N ASP C 248 -10.82 -0.29 49.15
CA ASP C 248 -10.98 0.13 50.54
C ASP C 248 -12.31 -0.37 51.11
N ARG C 249 -13.36 -0.31 50.30
CA ARG C 249 -14.68 -0.76 50.71
C ARG C 249 -14.71 -2.26 51.01
N TYR C 250 -13.85 -3.02 50.33
CA TYR C 250 -13.80 -4.47 50.54
C TYR C 250 -13.47 -4.80 51.99
N PHE C 251 -12.62 -3.97 52.60
CA PHE C 251 -12.23 -4.17 53.99
C PHE C 251 -12.95 -3.19 54.92
N ASP C 252 -14.15 -2.79 54.53
CA ASP C 252 -15.00 -1.90 55.34
C ASP C 252 -14.31 -0.61 55.76
N TYR C 253 -13.41 -0.12 54.91
CA TYR C 253 -12.64 1.10 55.17
C TYR C 253 -11.91 1.05 56.51
N ALA C 254 -11.50 -0.15 56.92
CA ALA C 254 -10.91 -0.36 58.24
C ALA C 254 -9.63 0.45 58.45
N GLU C 255 -8.87 0.62 57.37
CA GLU C 255 -7.59 1.33 57.45
C GLU C 255 -7.74 2.79 57.07
N GLY C 256 -8.95 3.18 56.67
CA GLY C 256 -9.21 4.55 56.26
C GLY C 256 -9.83 4.63 54.87
N ARG C 257 -10.12 5.84 54.43
CA ARG C 257 -10.78 6.05 53.14
C ARG C 257 -9.85 6.60 52.08
N LEU C 258 -9.77 5.89 50.96
CA LEU C 258 -9.01 6.35 49.81
C LEU C 258 -9.69 7.54 49.15
N GLY C 259 -8.91 8.47 48.64
CA GLY C 259 -9.46 9.62 47.94
C GLY C 259 -9.98 9.23 46.57
N TRP C 260 -11.27 9.44 46.35
CA TRP C 260 -11.86 9.20 45.05
C TRP C 260 -12.57 10.44 44.53
N ARG C 261 -12.65 10.55 43.22
CA ARG C 261 -13.50 11.54 42.59
C ARG C 261 -14.68 10.82 41.95
N THR C 262 -15.87 11.41 42.07
CA THR C 262 -17.04 10.88 41.39
C THR C 262 -17.54 11.90 40.39
N LEU C 263 -18.53 11.52 39.58
CA LEU C 263 -19.03 12.41 38.56
C LEU C 263 -20.55 12.50 38.53
N ASP C 264 -21.04 13.71 38.33
CA ASP C 264 -22.46 13.94 38.15
C ASP C 264 -22.71 14.42 36.73
N PHE C 265 -23.73 13.89 36.09
CA PHE C 265 -24.01 14.26 34.71
C PHE C 265 -25.38 14.92 34.56
N GLU C 266 -25.45 15.91 33.68
CA GLU C 266 -26.71 16.48 33.28
C GLU C 266 -26.96 16.16 31.82
N VAL C 267 -27.86 15.23 31.57
CA VAL C 267 -28.22 14.87 30.21
C VAL C 267 -29.39 15.73 29.75
N GLU C 268 -29.21 16.43 28.64
CA GLU C 268 -30.26 17.32 28.14
C GLU C 268 -30.46 17.18 26.63
N VAL C 269 -31.71 17.02 26.23
CA VAL C 269 -32.05 16.98 24.82
C VAL C 269 -32.48 18.37 24.35
N LEU C 270 -31.67 18.98 23.49
CA LEU C 270 -31.95 20.32 22.98
C LEU C 270 -32.72 20.28 21.66
N PRO C 271 -33.61 21.26 21.44
CA PRO C 271 -34.43 21.35 20.23
C PRO C 271 -33.68 21.93 19.03
N ILE C 272 -32.37 21.69 18.97
CA ILE C 272 -31.54 22.10 17.84
C ILE C 272 -30.75 20.91 17.33
N GLY C 273 -30.32 20.97 16.08
CA GLY C 273 -29.59 19.87 15.48
C GLY C 273 -28.16 19.71 15.98
N ASP C 274 -27.51 20.82 16.31
CA ASP C 274 -26.11 20.78 16.70
C ASP C 274 -25.79 21.84 17.74
N PHE C 275 -25.28 21.38 18.88
CA PHE C 275 -24.99 22.27 19.99
C PHE C 275 -23.60 22.90 19.90
N GLN C 276 -22.58 22.07 19.70
CA GLN C 276 -21.20 22.58 19.69
C GLN C 276 -20.39 22.13 18.49
N GLY C 277 -20.97 21.26 17.66
CA GLY C 277 -20.35 20.86 16.41
C GLY C 277 -19.18 19.91 16.56
N THR C 278 -19.08 19.24 17.70
CA THR C 278 -18.01 18.30 17.95
C THR C 278 -18.38 17.42 19.14
N ALA C 279 -17.69 16.29 19.28
CA ALA C 279 -18.06 15.28 20.27
C ALA C 279 -17.87 15.75 21.71
N VAL C 280 -16.70 16.31 22.00
CA VAL C 280 -16.38 16.72 23.36
C VAL C 280 -15.75 18.10 23.35
N MET C 281 -16.27 18.99 24.19
CA MET C 281 -15.73 20.32 24.35
C MET C 281 -15.29 20.52 25.78
N ASN C 282 -13.98 20.62 26.00
CA ASN C 282 -13.45 20.86 27.33
C ASN C 282 -13.65 22.30 27.76
N TYR C 283 -14.03 22.50 29.02
CA TYR C 283 -14.20 23.84 29.56
C TYR C 283 -13.16 24.11 30.63
N ASN C 284 -12.14 24.85 30.26
CA ASN C 284 -10.96 25.01 31.09
C ASN C 284 -11.03 26.21 32.03
N ASP C 285 -12.06 27.03 31.88
CA ASP C 285 -12.21 28.21 32.73
C ASP C 285 -13.05 27.92 33.97
N LEU C 286 -12.74 28.62 35.06
CA LEU C 286 -13.40 28.41 36.35
C LEU C 286 -14.79 29.06 36.44
N ASP C 287 -15.11 29.94 35.49
CA ASP C 287 -16.39 30.64 35.50
C ASP C 287 -17.53 29.76 35.02
N VAL C 288 -17.24 28.46 34.94
CA VAL C 288 -18.19 27.46 34.49
C VAL C 288 -17.99 26.22 35.36
N PRO C 289 -19.09 25.67 35.89
CA PRO C 289 -18.98 24.59 36.88
C PRO C 289 -18.63 23.22 36.29
N TYR C 290 -19.01 22.97 35.04
CA TYR C 290 -18.74 21.66 34.43
C TYR C 290 -17.34 21.61 33.81
N THR C 291 -16.78 20.41 33.73
CA THR C 291 -15.44 20.24 33.18
C THR C 291 -15.49 20.18 31.66
N ARG C 292 -16.52 19.53 31.13
CA ARG C 292 -16.67 19.40 29.68
C ARG C 292 -18.10 19.07 29.29
N ILE C 293 -18.37 19.14 27.99
CA ILE C 293 -19.68 18.82 27.45
C ILE C 293 -19.57 17.81 26.32
N HIS C 294 -20.35 16.74 26.43
CA HIS C 294 -20.40 15.71 25.40
C HIS C 294 -21.59 15.95 24.48
N GLU C 295 -21.39 15.90 23.17
CA GLU C 295 -22.50 15.87 22.24
C GLU C 295 -22.44 14.57 21.47
N PHE C 296 -23.26 13.60 21.88
CA PHE C 296 -23.08 12.22 21.48
C PHE C 296 -23.38 11.92 20.00
N ARG C 297 -24.02 12.84 19.30
CA ARG C 297 -24.31 12.60 17.90
C ARG C 297 -23.02 12.63 17.07
N HIS C 298 -22.01 13.35 17.57
CA HIS C 298 -20.76 13.47 16.84
C HIS C 298 -19.85 12.25 17.08
N PHE C 299 -20.24 11.39 18.02
CA PHE C 299 -19.53 10.15 18.26
C PHE C 299 -19.73 9.15 17.11
N HIS C 300 -20.91 9.21 16.50
CA HIS C 300 -21.23 8.32 15.40
C HIS C 300 -21.75 9.08 14.17
N PRO C 301 -20.84 9.75 13.45
CA PRO C 301 -21.19 10.48 12.22
C PRO C 301 -21.76 9.56 11.14
N GLU C 302 -21.36 8.29 11.17
CA GLU C 302 -21.80 7.33 10.16
C GLU C 302 -23.26 6.94 10.35
N ARG C 303 -23.77 7.08 11.57
CA ARG C 303 -25.21 6.95 11.80
C ARG C 303 -25.87 8.29 11.48
N ASP C 304 -27.04 8.25 10.86
CA ASP C 304 -27.76 9.48 10.57
C ASP C 304 -28.89 9.70 11.56
N TYR C 305 -28.75 10.75 12.36
CA TYR C 305 -29.74 11.06 13.38
C TYR C 305 -30.59 12.24 12.95
N ARG C 306 -31.71 12.45 13.65
CA ARG C 306 -32.58 13.58 13.37
C ARG C 306 -31.83 14.88 13.61
N THR C 307 -32.09 15.86 12.76
CA THR C 307 -31.34 17.12 12.80
C THR C 307 -32.15 18.24 13.43
N ASP C 308 -33.24 17.89 14.10
CA ASP C 308 -34.07 18.87 14.80
C ASP C 308 -33.85 18.79 16.31
N LYS C 309 -33.16 17.76 16.75
CA LYS C 309 -32.82 17.59 18.16
C LYS C 309 -31.40 17.08 18.32
N THR C 310 -30.83 17.26 19.51
CA THR C 310 -29.51 16.74 19.83
C THR C 310 -29.42 16.45 21.33
N VAL C 311 -28.61 15.47 21.71
CA VAL C 311 -28.40 15.16 23.11
C VAL C 311 -27.03 15.59 23.59
N ILE C 312 -27.00 16.46 24.60
CA ILE C 312 -25.73 16.86 25.19
C ILE C 312 -25.68 16.43 26.65
N MET C 313 -24.48 16.43 27.20
CA MET C 313 -24.26 15.97 28.57
C MET C 313 -23.17 16.79 29.24
N ARG C 314 -23.54 17.54 30.27
CA ARG C 314 -22.57 18.30 31.05
C ARG C 314 -22.00 17.41 32.15
N GLU C 315 -20.70 17.54 32.40
CA GLU C 315 -20.01 16.68 33.35
C GLU C 315 -19.51 17.48 34.54
N TYR C 316 -19.88 17.04 35.75
CA TYR C 316 -19.46 17.73 36.97
C TYR C 316 -18.64 16.79 37.86
N SER C 317 -17.60 17.33 38.47
CA SER C 317 -16.68 16.53 39.29
C SER C 317 -16.74 16.93 40.76
N ARG C 318 -16.77 15.95 41.64
CA ARG C 318 -16.72 16.18 43.09
C ARG C 318 -16.12 14.98 43.81
N PHE C 319 -15.88 15.11 45.11
CA PHE C 319 -15.32 14.01 45.89
C PHE C 319 -16.37 12.93 46.13
N ALA C 320 -15.94 11.67 46.07
CA ALA C 320 -16.84 10.54 46.28
C ALA C 320 -17.15 10.35 47.77
N GLU C 321 -18.43 10.48 48.13
CA GLU C 321 -18.85 10.29 49.51
C GLU C 321 -19.05 8.82 49.82
N ASP C 322 -19.59 8.54 51.00
CA ASP C 322 -19.64 7.18 51.55
C ASP C 322 -20.34 6.17 50.63
N ASP C 323 -21.39 6.60 49.94
CA ASP C 323 -22.18 5.69 49.13
C ASP C 323 -21.99 5.94 47.63
N ASP C 324 -21.38 7.08 47.30
CA ASP C 324 -21.12 7.43 45.91
C ASP C 324 -20.31 6.36 45.20
N GLU C 325 -20.57 6.20 43.90
CA GLU C 325 -19.74 5.33 43.09
C GLU C 325 -18.46 6.06 42.74
N PRO C 326 -17.31 5.46 43.07
CA PRO C 326 -15.99 6.04 42.78
C PRO C 326 -15.64 5.94 41.30
N TYR C 327 -15.18 7.04 40.73
CA TYR C 327 -14.82 7.08 39.32
C TYR C 327 -13.31 7.15 39.14
N TYR C 328 -12.68 8.09 39.85
CA TYR C 328 -11.26 8.33 39.72
C TYR C 328 -10.50 8.11 41.02
N PRO C 329 -9.34 7.45 40.96
CA PRO C 329 -8.41 7.42 42.09
C PRO C 329 -7.58 8.70 42.13
N ILE C 330 -7.61 9.41 43.24
CA ILE C 330 -6.85 10.66 43.36
C ILE C 330 -5.35 10.38 43.45
N ASN C 331 -4.99 9.38 44.25
CA ASN C 331 -3.60 8.95 44.41
C ASN C 331 -2.65 10.05 44.89
N THR C 332 -2.99 10.70 46.00
CA THR C 332 -2.02 11.58 46.65
C THR C 332 -1.04 10.71 47.41
N GLU C 333 0.00 11.31 47.97
CA GLU C 333 0.99 10.56 48.72
C GLU C 333 0.35 9.85 49.91
N ALA C 334 -0.66 10.50 50.50
CA ALA C 334 -1.41 9.90 51.60
C ALA C 334 -2.23 8.72 51.11
N ASP C 335 -2.84 8.87 49.94
CA ASP C 335 -3.64 7.82 49.33
C ASP C 335 -2.78 6.59 49.02
N ARG C 336 -1.63 6.82 48.41
CA ARG C 336 -0.72 5.74 48.06
C ARG C 336 -0.24 5.00 49.31
N ALA C 337 -0.02 5.74 50.39
CA ALA C 337 0.35 5.15 51.66
C ALA C 337 -0.74 4.21 52.17
N LEU C 338 -1.97 4.70 52.11
CA LEU C 338 -3.14 3.91 52.46
C LEU C 338 -3.30 2.71 51.53
N LEU C 339 -3.04 2.94 50.24
CA LEU C 339 -3.15 1.90 49.23
C LEU C 339 -2.21 0.74 49.52
N ALA C 340 -1.00 1.07 49.94
CA ALA C 340 0.02 0.06 50.26
C ALA C 340 -0.46 -0.88 51.36
N THR C 341 -1.20 -0.33 52.32
CA THR C 341 -1.77 -1.12 53.40
C THR C 341 -2.80 -2.11 52.88
N TYR C 342 -3.79 -1.59 52.16
CA TYR C 342 -4.84 -2.42 51.58
C TYR C 342 -4.28 -3.44 50.61
N ARG C 343 -3.18 -3.09 49.96
CA ARG C 343 -2.51 -4.02 49.05
C ARG C 343 -1.95 -5.20 49.84
N ALA C 344 -1.39 -4.92 51.02
CA ALA C 344 -0.89 -5.97 51.90
C ALA C 344 -2.05 -6.80 52.45
N ARG C 345 -3.18 -6.14 52.70
CA ARG C 345 -4.40 -6.81 53.12
C ARG C 345 -4.96 -7.66 51.98
N ALA C 346 -4.90 -7.11 50.77
CA ALA C 346 -5.35 -7.83 49.58
C ALA C 346 -4.55 -9.11 49.37
N LYS C 347 -3.23 -9.02 49.58
CA LYS C 347 -2.35 -10.16 49.43
C LYS C 347 -2.69 -11.23 50.47
N SER C 348 -3.19 -10.81 51.62
CA SER C 348 -3.61 -11.73 52.67
C SER C 348 -4.91 -12.44 52.30
N GLU C 349 -5.86 -11.67 51.76
CA GLU C 349 -7.12 -12.24 51.30
C GLU C 349 -6.89 -13.28 50.21
N THR C 350 -5.89 -13.03 49.36
CA THR C 350 -5.53 -13.97 48.32
C THR C 350 -4.99 -15.25 48.94
N ALA C 351 -4.26 -15.09 50.04
CA ALA C 351 -3.64 -16.21 50.72
C ALA C 351 -4.66 -17.05 51.49
N SER C 352 -5.59 -16.39 52.15
CA SER C 352 -6.52 -17.07 53.06
C SER C 352 -7.87 -17.42 52.43
N SER C 353 -8.34 -16.59 51.50
CA SER C 353 -9.69 -16.76 50.96
C SER C 353 -9.74 -16.91 49.44
N LYS C 354 -8.57 -16.99 48.80
CA LYS C 354 -8.48 -17.06 47.34
C LYS C 354 -9.20 -15.89 46.66
N VAL C 355 -9.02 -14.69 47.19
CA VAL C 355 -9.67 -13.51 46.65
C VAL C 355 -8.70 -12.62 45.88
N LEU C 356 -8.91 -12.51 44.57
CA LEU C 356 -8.07 -11.66 43.74
C LEU C 356 -8.66 -10.25 43.63
N PHE C 357 -7.80 -9.29 43.34
CA PHE C 357 -8.22 -7.90 43.22
C PHE C 357 -7.74 -7.32 41.90
N GLY C 358 -8.69 -6.79 41.13
CA GLY C 358 -8.37 -6.24 39.82
C GLY C 358 -9.28 -5.09 39.40
N GLY C 359 -8.85 -4.37 38.37
CA GLY C 359 -9.67 -3.33 37.80
C GLY C 359 -9.44 -1.96 38.40
N ARG C 360 -10.12 -0.97 37.85
CA ARG C 360 -10.00 0.41 38.28
C ARG C 360 -10.26 0.57 39.78
N LEU C 361 -11.32 -0.05 40.27
CA LEU C 361 -11.73 0.09 41.66
C LEU C 361 -10.98 -0.89 42.57
N GLY C 362 -10.73 -2.09 42.07
CA GLY C 362 -10.08 -3.13 42.85
C GLY C 362 -8.61 -2.87 43.16
N THR C 363 -7.95 -2.11 42.30
CA THR C 363 -6.52 -1.85 42.47
C THR C 363 -6.20 -0.36 42.66
N TYR C 364 -7.25 0.47 42.70
CA TYR C 364 -7.11 1.92 42.89
C TYR C 364 -6.20 2.52 41.83
N GLN C 365 -6.43 2.16 40.57
CA GLN C 365 -5.60 2.66 39.48
C GLN C 365 -6.41 3.38 38.40
N TYR C 366 -5.83 4.44 37.86
CA TYR C 366 -6.42 5.22 36.78
C TYR C 366 -6.37 4.44 35.47
N LEU C 367 -7.24 3.43 35.33
CA LEU C 367 -7.20 2.52 34.20
C LEU C 367 -8.18 2.88 33.08
N ASP C 368 -7.67 2.95 31.86
CA ASP C 368 -8.54 3.04 30.70
C ASP C 368 -9.05 1.65 30.35
N MET C 369 -10.04 1.58 29.47
CA MET C 369 -10.67 0.30 29.13
C MET C 369 -9.66 -0.74 28.65
N HIS C 370 -8.75 -0.35 27.77
CA HIS C 370 -7.80 -1.29 27.19
C HIS C 370 -6.76 -1.77 28.22
N MET C 371 -6.38 -0.90 29.14
CA MET C 371 -5.47 -1.28 30.20
C MET C 371 -6.17 -2.23 31.18
N ALA C 372 -7.47 -2.02 31.38
CA ALA C 372 -8.25 -2.90 32.24
C ALA C 372 -8.34 -4.30 31.64
N ILE C 373 -8.61 -4.36 30.35
CA ILE C 373 -8.71 -5.64 29.64
C ILE C 373 -7.35 -6.35 29.57
N ALA C 374 -6.30 -5.59 29.29
CA ALA C 374 -4.95 -6.14 29.27
C ALA C 374 -4.58 -6.67 30.65
N SER C 375 -4.96 -5.93 31.69
CA SER C 375 -4.70 -6.33 33.07
C SER C 375 -5.47 -7.61 33.39
N ALA C 376 -6.68 -7.71 32.86
CA ALA C 376 -7.50 -8.90 33.07
C ALA C 376 -6.89 -10.11 32.38
N LEU C 377 -6.36 -9.89 31.17
CA LEU C 377 -5.73 -10.97 30.43
C LEU C 377 -4.44 -11.41 31.12
N ASN C 378 -3.72 -10.44 31.68
CA ASN C 378 -2.53 -10.74 32.47
C ASN C 378 -2.86 -11.57 33.70
N MET C 379 -3.90 -11.17 34.43
CA MET C 379 -4.34 -11.95 35.58
C MET C 379 -4.79 -13.34 35.16
N TYR C 380 -5.49 -13.42 34.03
CA TYR C 380 -5.98 -14.71 33.57
C TYR C 380 -4.81 -15.63 33.21
N ASP C 381 -3.88 -15.11 32.42
CA ASP C 381 -2.76 -15.90 31.93
C ASP C 381 -1.85 -16.42 33.03
N ASN C 382 -1.56 -15.55 34.00
CA ASN C 382 -0.50 -15.77 34.96
C ASN C 382 -0.98 -16.22 36.33
N VAL C 383 -2.22 -15.87 36.68
CA VAL C 383 -2.75 -16.19 38.00
C VAL C 383 -3.90 -17.20 37.95
N LEU C 384 -5.00 -16.81 37.31
CA LEU C 384 -6.22 -17.62 37.33
C LEU C 384 -6.13 -18.93 36.55
N ALA C 385 -5.77 -18.87 35.28
CA ALA C 385 -5.69 -20.07 34.45
C ALA C 385 -4.72 -21.12 35.00
N PRO C 386 -3.54 -20.71 35.49
CA PRO C 386 -2.69 -21.75 36.09
C PRO C 386 -3.36 -22.44 37.28
N HIS C 387 -4.15 -21.69 38.04
CA HIS C 387 -4.80 -22.21 39.24
C HIS C 387 -5.97 -23.15 38.93
N LEU C 388 -6.91 -22.66 38.13
CA LEU C 388 -8.12 -23.41 37.83
C LEU C 388 -7.86 -24.64 36.97
N ARG C 389 -6.82 -24.56 36.15
CA ARG C 389 -6.52 -25.63 35.20
C ARG C 389 -5.42 -26.57 35.69
N ASP C 390 -4.45 -26.01 36.43
CA ASP C 390 -3.27 -26.78 36.82
C ASP C 390 -2.99 -26.76 38.33
N GLY C 391 -3.92 -26.25 39.12
CA GLY C 391 -3.82 -26.33 40.57
C GLY C 391 -2.83 -25.42 41.26
N VAL C 392 -2.09 -24.63 40.49
CA VAL C 392 -1.09 -23.72 41.05
C VAL C 392 -1.73 -22.69 41.98
N PRO C 393 -1.16 -22.50 43.19
CA PRO C 393 -1.66 -21.50 44.14
C PRO C 393 -1.66 -20.07 43.57
N LEU C 394 -2.36 -19.16 44.24
CA LEU C 394 -2.67 -17.86 43.66
C LEU C 394 -1.68 -16.73 43.98
N LEU C 395 -0.62 -17.04 44.72
CA LEU C 395 0.34 -16.01 45.12
C LEU C 395 1.68 -16.19 44.43
#